data_6G4Z
#
_entry.id   6G4Z
#
_cell.length_a   144.830
_cell.length_b   144.830
_cell.length_c   46.530
_cell.angle_alpha   90.00
_cell.angle_beta   90.00
_cell.angle_gamma   90.00
#
_symmetry.space_group_name_H-M   'P 43'
#
loop_
_entity.id
_entity.type
_entity.pdbx_description
1 polymer 'Mitogen-activated protein kinase kinase kinase 14'
2 non-polymer 5-fluoranyl-1-[4-[2-[(3~{R})-1-methyl-3-oxidanyl-2-oxidanylidene-pyrrol-3-yl]ethynyl]pyridin-2-yl]indazole-3-carboxamide
3 water water
#
_entity_poly.entity_id   1
_entity_poly.type   'polypeptide(L)'
_entity_poly.pdbx_seq_one_letter_code
;GSALEKVPVEEYLVHALQGSVSSGQAHSLASLAKTWSSGSAKLQRLGPETEDNEGVLLTEKLKPVDYEYREEVHWMTHQP
RVGRGSFGEVHRMKDKQTGFQCAVKKVRLEVFRVEELVACAGLSSPRIVPLYGAVREGPWVNIFMELLEGGSLGQLIKQM
GCLPEDRALYYLGQALEGLEYLHTRRILHGDVKADNVLLSSDGSRAALCDFGHALCLQPDGLGKSLLTGDYIPGTETHMA
PEVVMGKPCDAKVDIWSSCCMMLHMLNGCHPWTQYFRGPLCLKIASEPPPIREIPPSCAPLTAQAIQEGLRKEPVHRASA
MELRRKVGKALQEVGGLKSPWKGEYKEPR
;
_entity_poly.pdbx_strand_id   A,B
#
loop_
_chem_comp.id
_chem_comp.type
_chem_comp.name
_chem_comp.formula
ELW non-polymer 5-fluoranyl-1-[4-[2-[(3~{R})-1-methyl-3-oxidanyl-2-oxidanylidene-pyrrol-3-yl]ethynyl]pyridin-2-yl]indazole-3-carboxamide 'C20 H14 F N5 O3'
#
# COMPACT_ATOMS: atom_id res chain seq x y z
N PRO A 8 11.81 -15.83 -8.48
CA PRO A 8 12.87 -16.49 -7.70
C PRO A 8 12.90 -16.04 -6.23
N VAL A 9 12.97 -14.73 -6.02
CA VAL A 9 12.97 -14.14 -4.69
C VAL A 9 11.55 -13.91 -4.16
N GLU A 10 10.53 -14.12 -5.00
CA GLU A 10 9.14 -13.92 -4.60
C GLU A 10 8.82 -14.67 -3.30
N GLU A 11 9.28 -15.92 -3.22
CA GLU A 11 9.12 -16.74 -2.03
C GLU A 11 9.54 -15.99 -0.76
N TYR A 12 10.72 -15.36 -0.82
CA TYR A 12 11.32 -14.66 0.32
C TYR A 12 10.59 -13.38 0.71
N LEU A 13 10.06 -12.66 -0.29
CA LEU A 13 9.28 -11.44 -0.04
C LEU A 13 7.93 -11.71 0.64
N VAL A 14 7.30 -12.83 0.27
CA VAL A 14 6.06 -13.24 0.90
C VAL A 14 6.30 -13.50 2.39
N HIS A 15 7.45 -14.09 2.70
CA HIS A 15 7.80 -14.44 4.08
CA HIS A 15 7.80 -14.44 4.08
C HIS A 15 8.03 -13.19 4.92
N ALA A 16 8.61 -12.16 4.30
CA ALA A 16 8.88 -10.90 4.98
C ALA A 16 7.58 -10.21 5.40
N LEU A 17 6.58 -10.27 4.53
CA LEU A 17 5.27 -9.66 4.80
C LEU A 17 4.43 -10.43 5.82
N GLN A 18 4.60 -11.75 5.87
CA GLN A 18 3.83 -12.58 6.78
C GLN A 18 4.21 -12.34 8.23
N GLY A 19 3.26 -12.55 9.13
CA GLY A 19 3.44 -12.32 10.55
C GLY A 19 3.44 -10.87 10.99
N SER A 20 3.26 -9.94 10.06
CA SER A 20 3.29 -8.53 10.39
C SER A 20 2.22 -7.75 9.65
N VAL A 21 1.86 -6.62 10.24
CA VAL A 21 1.10 -5.61 9.54
C VAL A 21 2.10 -4.48 9.31
N SER A 22 2.28 -4.09 8.06
CA SER A 22 3.22 -3.03 7.71
C SER A 22 2.56 -1.96 6.85
N SER A 23 3.10 -0.75 6.92
CA SER A 23 2.82 0.29 5.94
C SER A 23 3.52 -0.11 4.65
N GLY A 24 2.77 -0.24 3.57
CA GLY A 24 3.29 -0.77 2.33
C GLY A 24 2.52 -0.34 1.12
N GLN A 25 2.63 -1.10 0.04
CA GLN A 25 2.05 -0.72 -1.25
C GLN A 25 1.25 -1.85 -1.87
N ALA A 26 0.37 -1.47 -2.80
CA ALA A 26 -0.60 -2.40 -3.37
C ALA A 26 0.02 -3.72 -3.80
N HIS A 27 1.15 -3.66 -4.52
CA HIS A 27 1.79 -4.88 -5.00
C HIS A 27 2.17 -5.83 -3.87
N SER A 28 2.56 -5.29 -2.71
CA SER A 28 2.85 -6.11 -1.55
C SER A 28 1.58 -6.76 -1.03
N LEU A 29 0.53 -5.96 -0.92
CA LEU A 29 -0.76 -6.43 -0.42
C LEU A 29 -1.29 -7.58 -1.26
N ALA A 30 -1.24 -7.43 -2.58
CA ALA A 30 -1.66 -8.50 -3.50
C ALA A 30 -0.88 -9.80 -3.29
N SER A 31 0.44 -9.68 -3.17
CA SER A 31 1.31 -10.84 -2.89
C SER A 31 0.88 -11.55 -1.61
N LEU A 32 0.73 -10.77 -0.55
CA LEU A 32 0.36 -11.29 0.77
C LEU A 32 -1.04 -11.89 0.76
N ALA A 33 -1.97 -11.18 0.13
CA ALA A 33 -3.38 -11.61 0.05
C ALA A 33 -3.54 -13.00 -0.57
N LYS A 34 -2.76 -13.28 -1.61
CA LYS A 34 -2.79 -14.61 -2.24
C LYS A 34 -2.58 -15.74 -1.24
N THR A 35 -1.80 -15.49 -0.19
CA THR A 35 -1.59 -16.50 0.86
C THR A 35 -2.86 -16.79 1.66
N TRP A 36 -3.81 -15.85 1.66
CA TRP A 36 -5.10 -16.04 2.35
C TRP A 36 -6.06 -16.84 1.44
N SER A 37 -5.80 -18.14 1.33
CA SER A 37 -6.51 -19.06 0.41
C SER A 37 -7.42 -18.37 -0.62
N ASP A 52 -0.69 -14.53 13.00
CA ASP A 52 -2.13 -14.41 13.18
C ASP A 52 -2.68 -13.02 12.87
N ASN A 53 -1.79 -12.01 12.89
CA ASN A 53 -2.15 -10.64 12.57
C ASN A 53 -1.21 -10.16 11.46
N GLU A 54 -1.64 -10.34 10.21
CA GLU A 54 -0.84 -9.96 9.03
C GLU A 54 -1.59 -8.95 8.19
N GLY A 55 -0.87 -8.18 7.40
CA GLY A 55 -1.50 -7.27 6.46
C GLY A 55 -0.64 -6.10 6.03
N VAL A 56 -1.16 -5.35 5.08
CA VAL A 56 -0.50 -4.14 4.60
C VAL A 56 -1.50 -2.99 4.60
N LEU A 57 -1.04 -1.82 5.03
CA LEU A 57 -1.86 -0.63 5.01
C LEU A 57 -1.30 0.34 3.97
N LEU A 58 -2.14 0.72 3.03
CA LEU A 58 -1.70 1.48 1.87
C LEU A 58 -1.69 2.98 2.12
N THR A 59 -2.18 3.43 3.28
CA THR A 59 -2.25 4.86 3.56
C THR A 59 -1.66 5.23 4.91
N GLU A 60 -0.88 6.31 4.87
CA GLU A 60 -0.35 6.99 6.04
C GLU A 60 -1.31 7.07 7.24
N LYS A 61 -2.61 7.25 6.96
CA LYS A 61 -3.60 7.49 8.00
C LYS A 61 -3.95 6.25 8.83
N LEU A 62 -3.60 5.06 8.35
CA LEU A 62 -3.79 3.84 9.11
C LEU A 62 -2.42 3.22 9.41
N LYS A 63 -1.92 3.45 10.61
CA LYS A 63 -0.59 3.01 11.02
C LYS A 63 -0.68 1.79 11.92
N PRO A 64 0.15 0.77 11.66
CA PRO A 64 0.23 -0.33 12.61
C PRO A 64 1.03 0.10 13.84
N VAL A 65 0.90 -0.65 14.93
CA VAL A 65 1.66 -0.38 16.14
C VAL A 65 2.37 -1.65 16.53
N ASP A 66 3.69 -1.56 16.69
CA ASP A 66 4.55 -2.71 16.97
C ASP A 66 4.11 -3.95 16.21
N TYR A 67 4.10 -3.83 14.88
CA TYR A 67 3.85 -4.94 13.96
C TYR A 67 2.40 -5.43 13.94
N GLU A 68 1.49 -4.69 14.58
CA GLU A 68 0.10 -5.12 14.75
C GLU A 68 -0.93 -4.03 14.44
N TYR A 69 -2.12 -4.48 14.08
CA TYR A 69 -3.29 -3.62 13.85
C TYR A 69 -4.53 -4.48 14.12
N ARG A 70 -5.19 -4.24 15.24
CA ARG A 70 -6.10 -5.20 15.87
C ARG A 70 -7.39 -4.50 16.27
N GLU A 71 -8.53 -5.07 15.89
CA GLU A 71 -9.82 -4.46 16.19
C GLU A 71 -9.97 -4.20 17.70
N GLU A 72 -10.50 -3.03 18.01
CA GLU A 72 -10.70 -2.53 19.38
C GLU A 72 -9.41 -2.34 20.17
N VAL A 73 -8.27 -2.28 19.48
CA VAL A 73 -7.00 -1.95 20.12
C VAL A 73 -6.29 -0.85 19.34
N HIS A 74 -6.13 -1.07 18.04
CA HIS A 74 -5.53 -0.08 17.17
C HIS A 74 -6.56 0.61 16.28
N TRP A 75 -7.73 0.00 16.12
CA TRP A 75 -8.81 0.67 15.42
C TRP A 75 -10.16 0.30 16.00
N MET A 76 -10.99 1.31 16.24
CA MET A 76 -12.28 1.15 16.91
C MET A 76 -13.43 1.25 15.94
N THR A 77 -14.30 0.27 15.98
CA THR A 77 -15.48 0.31 15.16
C THR A 77 -16.43 1.20 15.94
N HIS A 78 -17.14 2.09 15.25
CA HIS A 78 -18.08 3.00 15.90
C HIS A 78 -19.02 2.33 16.87
N GLN A 79 -18.98 2.77 18.13
CA GLN A 79 -19.78 2.21 19.23
C GLN A 79 -21.30 2.35 19.10
N PRO A 80 -21.76 3.31 18.30
CA PRO A 80 -23.18 3.34 18.00
C PRO A 80 -23.52 2.10 17.16
N ARG A 81 -22.65 1.68 16.24
CA ARG A 81 -22.77 0.44 15.44
C ARG A 81 -23.95 0.24 14.51
N VAL A 82 -23.75 0.49 13.24
CA VAL A 82 -24.86 0.42 12.33
C VAL A 82 -25.08 -0.75 11.37
N GLY A 83 -24.12 -1.04 10.50
CA GLY A 83 -24.32 -2.08 9.48
C GLY A 83 -24.76 -1.56 8.11
N ARG A 84 -23.79 -1.39 7.22
CA ARG A 84 -24.07 -1.15 5.81
C ARG A 84 -23.72 -2.45 5.09
N GLY A 85 -24.22 -2.62 3.87
CA GLY A 85 -23.95 -3.84 3.10
C GLY A 85 -25.04 -4.88 3.23
N SER A 86 -25.04 -5.86 2.33
CA SER A 86 -26.06 -6.91 2.31
C SER A 86 -26.07 -7.74 3.59
N PHE A 87 -24.89 -7.99 4.14
CA PHE A 87 -24.74 -8.88 5.29
C PHE A 87 -24.38 -8.10 6.56
N GLY A 88 -24.69 -6.81 6.57
CA GLY A 88 -24.29 -5.93 7.67
C GLY A 88 -22.82 -6.06 8.00
N GLU A 89 -21.99 -6.09 6.97
CA GLU A 89 -20.57 -6.42 7.10
C GLU A 89 -19.64 -5.22 6.95
N VAL A 90 -20.18 -4.07 6.54
CA VAL A 90 -19.39 -2.85 6.42
C VAL A 90 -19.68 -1.92 7.58
N HIS A 91 -18.63 -1.35 8.15
CA HIS A 91 -18.77 -0.53 9.36
C HIS A 91 -17.94 0.74 9.31
N ARG A 92 -18.38 1.76 10.04
CA ARG A 92 -17.62 2.97 10.22
C ARG A 92 -16.57 2.72 11.30
N MET A 93 -15.36 3.22 11.08
CA MET A 93 -14.24 2.95 11.99
C MET A 93 -13.31 4.16 12.13
N LYS A 94 -12.46 4.10 13.15
CA LYS A 94 -11.50 5.16 13.43
C LYS A 94 -10.18 4.52 13.87
N ASP A 95 -9.08 4.98 13.28
CA ASP A 95 -7.75 4.59 13.75
C ASP A 95 -7.45 5.39 15.01
N LYS A 96 -7.16 4.69 16.11
CA LYS A 96 -7.01 5.33 17.43
C LYS A 96 -5.92 6.40 17.54
N GLN A 97 -4.87 6.29 16.74
CA GLN A 97 -3.73 7.18 16.87
C GLN A 97 -3.90 8.39 15.96
N THR A 98 -4.22 8.13 14.68
CA THR A 98 -4.32 9.19 13.68
C THR A 98 -5.69 9.85 13.71
N GLY A 99 -6.66 9.18 14.31
CA GLY A 99 -8.02 9.68 14.35
C GLY A 99 -8.70 9.70 12.98
N PHE A 100 -8.13 8.99 12.02
CA PHE A 100 -8.68 8.99 10.68
C PHE A 100 -9.83 8.00 10.58
N GLN A 101 -10.90 8.42 9.93
CA GLN A 101 -12.09 7.60 9.78
C GLN A 101 -12.26 7.07 8.37
N CYS A 102 -12.74 5.84 8.28
CA CYS A 102 -12.92 5.16 7.00
C CYS A 102 -13.87 3.97 7.21
N ALA A 103 -14.00 3.10 6.20
CA ALA A 103 -14.92 1.97 6.27
C ALA A 103 -14.16 0.65 6.29
N VAL A 104 -14.77 -0.37 6.89
CA VAL A 104 -14.17 -1.70 6.95
C VAL A 104 -15.17 -2.74 6.49
N LYS A 105 -14.80 -3.51 5.48
CA LYS A 105 -15.58 -4.66 5.09
C LYS A 105 -14.97 -5.86 5.75
N LYS A 106 -15.75 -6.59 6.54
CA LYS A 106 -15.33 -7.89 7.07
C LYS A 106 -15.63 -9.01 6.09
N VAL A 107 -14.61 -9.79 5.75
CA VAL A 107 -14.80 -11.01 4.97
C VAL A 107 -14.37 -12.19 5.82
N ARG A 108 -15.20 -13.22 5.84
CA ARG A 108 -14.82 -14.48 6.47
C ARG A 108 -13.59 -15.02 5.74
N LEU A 109 -12.61 -15.50 6.51
CA LEU A 109 -11.35 -15.96 5.94
C LEU A 109 -11.53 -17.13 4.98
N GLU A 110 -12.34 -18.11 5.37
CA GLU A 110 -12.55 -19.29 4.53
C GLU A 110 -13.19 -18.93 3.18
N VAL A 111 -14.02 -17.90 3.17
CA VAL A 111 -14.73 -17.48 1.96
C VAL A 111 -13.93 -16.49 1.10
N PHE A 112 -12.89 -15.89 1.68
CA PHE A 112 -12.16 -14.77 1.06
C PHE A 112 -11.61 -15.06 -0.33
N ARG A 113 -12.02 -14.25 -1.31
CA ARG A 113 -11.53 -14.40 -2.67
C ARG A 113 -10.44 -13.38 -2.93
N VAL A 114 -9.33 -13.87 -3.46
CA VAL A 114 -8.12 -13.06 -3.64
C VAL A 114 -8.33 -11.88 -4.58
N GLU A 115 -9.11 -12.11 -5.63
CA GLU A 115 -9.32 -11.15 -6.70
C GLU A 115 -9.92 -9.85 -6.19
N GLU A 116 -10.66 -9.93 -5.08
CA GLU A 116 -11.27 -8.76 -4.49
C GLU A 116 -10.27 -7.64 -4.24
N LEU A 117 -9.05 -8.00 -3.87
CA LEU A 117 -7.96 -7.03 -3.68
C LEU A 117 -7.11 -6.89 -4.94
N VAL A 118 -6.70 -8.01 -5.53
CA VAL A 118 -5.82 -7.98 -6.72
C VAL A 118 -6.43 -7.15 -7.85
N ALA A 119 -7.75 -7.21 -7.99
CA ALA A 119 -8.47 -6.31 -8.87
C ALA A 119 -8.41 -4.90 -8.31
N CYS A 120 -8.85 -4.77 -7.08
CA CYS A 120 -9.06 -3.47 -6.44
C CYS A 120 -7.76 -2.68 -6.15
N ALA A 121 -6.65 -3.39 -5.96
CA ALA A 121 -5.39 -2.80 -5.49
C ALA A 121 -4.61 -2.12 -6.62
N GLY A 122 -4.13 -0.90 -6.34
CA GLY A 122 -3.41 -0.11 -7.34
C GLY A 122 -4.31 0.72 -8.25
N LEU A 123 -5.62 0.49 -8.19
CA LEU A 123 -6.56 1.20 -9.04
C LEU A 123 -6.75 2.63 -8.56
N SER A 124 -6.52 3.58 -9.46
CA SER A 124 -6.74 5.00 -9.19
C SER A 124 -7.76 5.53 -10.18
N SER A 125 -8.99 5.74 -9.70
CA SER A 125 -10.07 6.26 -10.55
C SER A 125 -11.24 6.74 -9.72
N PRO A 126 -11.79 7.93 -10.05
CA PRO A 126 -12.90 8.49 -9.28
C PRO A 126 -14.20 7.69 -9.36
N ARG A 127 -14.31 6.80 -10.34
CA ARG A 127 -15.48 5.94 -10.47
C ARG A 127 -15.34 4.63 -9.70
N ILE A 128 -14.23 4.49 -8.96
CA ILE A 128 -13.95 3.32 -8.13
C ILE A 128 -13.64 3.77 -6.71
N VAL A 129 -14.21 3.07 -5.73
CA VAL A 129 -13.92 3.31 -4.33
C VAL A 129 -12.49 2.85 -4.04
N PRO A 130 -11.66 3.73 -3.44
CA PRO A 130 -10.27 3.35 -3.19
C PRO A 130 -10.09 2.44 -1.98
N LEU A 131 -9.10 1.56 -2.09
CA LEU A 131 -8.73 0.60 -1.07
C LEU A 131 -7.63 1.21 -0.23
N TYR A 132 -7.77 1.13 1.09
CA TYR A 132 -6.79 1.71 2.01
C TYR A 132 -5.91 0.65 2.66
N GLY A 133 -6.27 -0.62 2.49
CA GLY A 133 -5.43 -1.72 2.97
C GLY A 133 -6.22 -2.95 3.29
N ALA A 134 -5.54 -3.98 3.81
CA ALA A 134 -6.21 -5.18 4.27
C ALA A 134 -5.36 -5.85 5.34
N VAL A 135 -6.04 -6.32 6.38
CA VAL A 135 -5.37 -6.96 7.50
C VAL A 135 -6.18 -8.17 7.95
N ARG A 136 -5.49 -9.30 8.09
CA ARG A 136 -6.09 -10.50 8.63
C ARG A 136 -5.97 -10.49 10.15
N GLU A 137 -7.02 -10.95 10.82
CA GLU A 137 -7.00 -11.13 12.26
C GLU A 137 -7.89 -12.31 12.60
N GLY A 138 -7.28 -13.48 12.68
CA GLY A 138 -7.99 -14.71 13.02
C GLY A 138 -8.88 -15.19 11.89
N PRO A 139 -10.17 -15.39 12.16
CA PRO A 139 -11.10 -15.85 11.13
C PRO A 139 -11.61 -14.75 10.20
N TRP A 140 -11.08 -13.54 10.36
CA TRP A 140 -11.51 -12.40 9.56
C TRP A 140 -10.43 -11.88 8.64
N VAL A 141 -10.83 -11.43 7.46
CA VAL A 141 -10.06 -10.47 6.69
C VAL A 141 -10.79 -9.13 6.77
N ASN A 142 -10.11 -8.11 7.27
CA ASN A 142 -10.67 -6.78 7.39
C ASN A 142 -10.15 -5.88 6.28
N ILE A 143 -11.03 -5.53 5.34
CA ILE A 143 -10.64 -4.72 4.19
C ILE A 143 -11.06 -3.27 4.42
N PHE A 144 -10.09 -2.35 4.37
CA PHE A 144 -10.34 -0.93 4.63
C PHE A 144 -10.49 -0.12 3.36
N MET A 145 -11.34 0.90 3.40
CA MET A 145 -11.63 1.71 2.22
C MET A 145 -12.17 3.05 2.62
N GLU A 146 -12.23 3.96 1.65
CA GLU A 146 -12.83 5.27 1.86
C GLU A 146 -14.28 5.12 2.28
N LEU A 147 -14.69 5.99 3.20
CA LEU A 147 -16.06 6.07 3.66
C LEU A 147 -16.80 7.07 2.78
N LEU A 148 -17.90 6.62 2.16
CA LEU A 148 -18.75 7.53 1.39
C LEU A 148 -20.05 7.80 2.15
N GLU A 149 -20.18 9.04 2.61
CA GLU A 149 -21.28 9.44 3.50
C GLU A 149 -22.62 9.64 2.77
N GLY A 150 -22.58 9.72 1.43
CA GLY A 150 -23.80 9.85 0.63
C GLY A 150 -24.66 8.61 0.50
N GLY A 151 -24.24 7.49 1.08
CA GLY A 151 -25.00 6.25 1.00
C GLY A 151 -24.96 5.61 -0.38
N SER A 152 -25.63 4.46 -0.51
CA SER A 152 -25.67 3.77 -1.79
C SER A 152 -26.79 4.29 -2.68
N LEU A 153 -26.61 4.09 -3.98
CA LEU A 153 -27.66 4.34 -4.96
C LEU A 153 -28.87 3.47 -4.65
N GLY A 154 -28.61 2.27 -4.12
CA GLY A 154 -29.67 1.40 -3.64
C GLY A 154 -30.56 2.07 -2.61
N GLN A 155 -29.95 2.73 -1.63
CA GLN A 155 -30.69 3.49 -0.62
C GLN A 155 -31.41 4.69 -1.21
N LEU A 156 -30.77 5.35 -2.16
CA LEU A 156 -31.38 6.48 -2.84
C LEU A 156 -32.71 6.09 -3.48
N ILE A 157 -32.79 4.90 -4.04
CA ILE A 157 -33.99 4.48 -4.77
C ILE A 157 -35.16 4.22 -3.82
N LYS A 158 -34.92 3.45 -2.75
CA LYS A 158 -35.95 3.25 -1.72
C LYS A 158 -36.40 4.59 -1.16
N GLN A 159 -35.43 5.44 -0.85
CA GLN A 159 -35.69 6.77 -0.30
C GLN A 159 -36.61 7.60 -1.19
N MET A 160 -36.31 7.68 -2.48
CA MET A 160 -37.06 8.53 -3.39
C MET A 160 -37.91 7.76 -4.39
N GLY A 161 -38.23 6.50 -4.07
CA GLY A 161 -39.14 5.70 -4.88
C GLY A 161 -38.52 5.23 -6.19
N CYS A 162 -38.34 6.17 -7.11
CA CYS A 162 -37.57 5.92 -8.33
C CYS A 162 -36.89 7.23 -8.71
N LEU A 163 -36.08 7.22 -9.76
CA LEU A 163 -35.33 8.43 -10.17
C LEU A 163 -35.84 9.03 -11.47
N PRO A 164 -35.62 10.35 -11.67
CA PRO A 164 -35.93 10.98 -12.95
C PRO A 164 -34.98 10.52 -14.05
N GLU A 165 -35.44 10.56 -15.28
CA GLU A 165 -34.71 10.04 -16.44
C GLU A 165 -33.28 10.60 -16.52
N ASP A 166 -33.14 11.90 -16.33
CA ASP A 166 -31.83 12.56 -16.44
C ASP A 166 -30.84 12.12 -15.36
N ARG A 167 -31.33 12.02 -14.12
CA ARG A 167 -30.52 11.54 -13.00
C ARG A 167 -30.08 10.11 -13.28
N ALA A 168 -31.02 9.29 -13.72
CA ALA A 168 -30.76 7.88 -14.00
C ALA A 168 -29.64 7.69 -15.02
N LEU A 169 -29.71 8.44 -16.12
CA LEU A 169 -28.68 8.39 -17.15
C LEU A 169 -27.36 8.91 -16.62
N TYR A 170 -27.41 10.00 -15.86
CA TYR A 170 -26.22 10.59 -15.29
C TYR A 170 -25.42 9.57 -14.48
N TYR A 171 -26.11 8.81 -13.64
CA TYR A 171 -25.45 7.80 -12.81
C TYR A 171 -25.00 6.56 -13.59
N LEU A 172 -25.87 6.01 -14.44
CA LEU A 172 -25.49 4.88 -15.29
C LEU A 172 -24.22 5.19 -16.09
N GLY A 173 -24.12 6.42 -16.60
CA GLY A 173 -22.92 6.84 -17.34
C GLY A 173 -21.69 6.70 -16.48
N GLN A 174 -21.79 7.20 -15.24
CA GLN A 174 -20.70 7.11 -14.28
C GLN A 174 -20.36 5.67 -13.89
N ALA A 175 -21.39 4.83 -13.74
CA ALA A 175 -21.15 3.41 -13.52
C ALA A 175 -20.41 2.86 -14.73
N LEU A 176 -20.92 3.15 -15.93
CA LEU A 176 -20.27 2.71 -17.17
C LEU A 176 -18.85 3.23 -17.31
N GLU A 177 -18.58 4.44 -16.83
CA GLU A 177 -17.22 4.97 -16.84
C GLU A 177 -16.29 4.10 -15.99
N GLY A 178 -16.81 3.63 -14.85
CA GLY A 178 -16.06 2.73 -13.98
C GLY A 178 -15.83 1.38 -14.61
N LEU A 179 -16.87 0.83 -15.25
CA LEU A 179 -16.74 -0.44 -15.91
C LEU A 179 -15.74 -0.41 -17.05
N GLU A 180 -15.64 0.72 -17.76
CA GLU A 180 -14.60 0.90 -18.78
C GLU A 180 -13.25 0.62 -18.14
N TYR A 181 -12.94 1.39 -17.12
CA TYR A 181 -11.69 1.26 -16.38
C TYR A 181 -11.37 -0.21 -16.01
N LEU A 182 -12.36 -0.92 -15.48
CA LEU A 182 -12.19 -2.32 -15.10
C LEU A 182 -11.92 -3.22 -16.29
N HIS A 183 -12.67 -3.01 -17.37
CA HIS A 183 -12.58 -3.85 -18.56
C HIS A 183 -11.28 -3.60 -19.33
N THR A 184 -10.79 -2.37 -19.32
CA THR A 184 -9.47 -2.06 -19.91
C THR A 184 -8.37 -2.90 -19.25
N ARG A 185 -8.56 -3.20 -17.98
CA ARG A 185 -7.63 -4.03 -17.21
C ARG A 185 -8.12 -5.47 -17.10
N ARG A 186 -9.04 -5.86 -17.98
CA ARG A 186 -9.57 -7.21 -18.02
C ARG A 186 -10.05 -7.71 -16.66
N ILE A 187 -10.84 -6.88 -15.98
CA ILE A 187 -11.50 -7.24 -14.73
C ILE A 187 -13.01 -7.19 -14.90
N LEU A 188 -13.69 -8.22 -14.40
CA LEU A 188 -15.14 -8.27 -14.39
C LEU A 188 -15.64 -7.99 -12.98
N HIS A 189 -16.49 -6.98 -12.82
CA HIS A 189 -17.06 -6.66 -11.50
C HIS A 189 -17.93 -7.80 -10.96
N GLY A 190 -18.74 -8.39 -11.84
CA GLY A 190 -19.48 -9.63 -11.54
C GLY A 190 -20.82 -9.50 -10.84
N ASP A 191 -21.20 -8.28 -10.46
CA ASP A 191 -22.42 -8.04 -9.70
C ASP A 191 -22.76 -6.55 -9.66
N VAL A 192 -22.93 -5.97 -10.84
CA VAL A 192 -23.28 -4.55 -10.93
C VAL A 192 -24.74 -4.40 -10.56
N LYS A 193 -25.01 -3.42 -9.70
CA LYS A 193 -26.28 -3.36 -8.97
C LYS A 193 -26.28 -2.10 -8.09
N ALA A 194 -27.43 -1.44 -8.00
CA ALA A 194 -27.54 -0.13 -7.33
C ALA A 194 -26.94 -0.09 -5.93
N ASP A 195 -27.08 -1.19 -5.20
CA ASP A 195 -26.47 -1.31 -3.87
C ASP A 195 -24.96 -1.11 -3.93
N ASN A 196 -24.33 -1.58 -5.01
CA ASN A 196 -22.89 -1.47 -5.20
C ASN A 196 -22.45 -0.21 -5.96
N VAL A 197 -23.28 0.82 -5.94
CA VAL A 197 -22.89 2.11 -6.46
C VAL A 197 -23.04 3.13 -5.34
N LEU A 198 -21.91 3.66 -4.85
CA LEU A 198 -21.92 4.55 -3.69
C LEU A 198 -21.77 6.01 -4.10
N LEU A 199 -22.59 6.86 -3.49
CA LEU A 199 -22.68 8.27 -3.85
C LEU A 199 -21.93 9.17 -2.88
N SER A 200 -21.60 10.37 -3.35
CA SER A 200 -20.96 11.38 -2.51
C SER A 200 -22.00 12.14 -1.68
N SER A 201 -21.50 13.02 -0.81
CA SER A 201 -22.35 13.83 0.09
C SER A 201 -23.43 14.60 -0.66
N ASP A 202 -23.03 15.26 -1.76
CA ASP A 202 -23.96 16.04 -2.57
C ASP A 202 -24.57 15.24 -3.75
N GLY A 203 -24.09 14.03 -3.96
CA GLY A 203 -24.68 13.14 -4.95
C GLY A 203 -24.26 13.38 -6.39
N SER A 204 -23.27 14.23 -6.59
CA SER A 204 -22.78 14.52 -7.94
C SER A 204 -21.85 13.42 -8.46
N ARG A 205 -21.28 12.62 -7.56
CA ARG A 205 -20.31 11.60 -7.96
C ARG A 205 -20.70 10.24 -7.45
N ALA A 206 -20.52 9.24 -8.31
CA ALA A 206 -20.84 7.86 -8.01
C ALA A 206 -19.61 7.00 -8.26
N ALA A 207 -19.53 5.88 -7.55
CA ALA A 207 -18.39 4.98 -7.69
C ALA A 207 -18.80 3.57 -7.37
N LEU A 208 -18.14 2.63 -8.03
CA LEU A 208 -18.42 1.21 -7.87
C LEU A 208 -17.63 0.69 -6.70
N CYS A 209 -18.29 -0.16 -5.91
CA CYS A 209 -17.68 -0.80 -4.77
C CYS A 209 -18.05 -2.26 -4.81
N ASP A 210 -17.53 -3.00 -3.83
CA ASP A 210 -17.81 -4.43 -3.62
C ASP A 210 -17.31 -5.33 -4.75
N PHE A 211 -16.01 -5.60 -4.77
CA PHE A 211 -15.41 -6.44 -5.79
C PHE A 211 -15.35 -7.91 -5.35
N GLY A 212 -16.34 -8.35 -4.59
CA GLY A 212 -16.35 -9.69 -4.02
C GLY A 212 -16.65 -10.79 -5.01
N HIS A 213 -17.20 -10.42 -6.17
CA HIS A 213 -17.45 -11.38 -7.24
C HIS A 213 -16.51 -11.15 -8.42
N ALA A 214 -15.46 -10.37 -8.20
CA ALA A 214 -14.59 -9.91 -9.27
C ALA A 214 -13.75 -11.04 -9.86
N LEU A 215 -13.59 -11.03 -11.18
CA LEU A 215 -12.82 -12.03 -11.91
C LEU A 215 -11.81 -11.37 -12.83
N CYS A 216 -10.78 -12.12 -13.21
CA CYS A 216 -9.82 -11.70 -14.24
C CYS A 216 -10.19 -12.37 -15.56
N LEU A 217 -9.88 -11.73 -16.69
CA LEU A 217 -10.48 -12.08 -17.98
C LEU A 217 -9.48 -12.45 -19.08
N GLN A 218 -10.01 -12.84 -20.24
CA GLN A 218 -9.25 -12.98 -21.50
C GLN A 218 -10.00 -12.28 -22.65
N SER A 225 -16.56 -19.30 -19.31
CA SER A 225 -17.35 -20.39 -18.75
C SER A 225 -18.04 -19.99 -17.45
N LEU A 226 -17.27 -19.39 -16.54
CA LEU A 226 -17.79 -18.77 -15.29
C LEU A 226 -18.18 -19.74 -14.18
N LEU A 227 -19.12 -20.63 -14.46
CA LEU A 227 -19.69 -21.51 -13.43
C LEU A 227 -18.77 -22.68 -13.08
N THR A 228 -17.84 -22.47 -12.15
CA THR A 228 -16.91 -23.53 -11.71
C THR A 228 -16.38 -23.33 -10.28
N GLY A 229 -16.79 -24.22 -9.37
CA GLY A 229 -16.17 -24.34 -8.05
C GLY A 229 -16.41 -23.19 -7.09
N ASP A 230 -15.33 -22.50 -6.72
CA ASP A 230 -15.38 -21.45 -5.68
C ASP A 230 -16.05 -20.12 -6.12
N TYR A 231 -16.59 -20.08 -7.34
CA TYR A 231 -17.21 -18.88 -7.86
C TYR A 231 -18.55 -18.59 -7.17
N ILE A 232 -18.73 -17.33 -6.77
CA ILE A 232 -19.98 -16.87 -6.18
C ILE A 232 -20.71 -16.03 -7.23
N PRO A 233 -22.01 -16.30 -7.45
CA PRO A 233 -22.83 -15.59 -8.44
C PRO A 233 -23.43 -14.26 -7.94
N GLY A 234 -23.75 -13.39 -8.89
CA GLY A 234 -24.29 -12.07 -8.57
C GLY A 234 -25.76 -12.10 -8.20
N THR A 235 -26.39 -10.94 -8.22
CA THR A 235 -27.83 -10.85 -7.97
C THR A 235 -28.57 -11.51 -9.11
N GLU A 236 -29.60 -12.27 -8.76
CA GLU A 236 -30.33 -13.07 -9.73
C GLU A 236 -31.11 -12.21 -10.73
N THR A 237 -31.80 -11.18 -10.24
CA THR A 237 -32.58 -10.29 -11.10
C THR A 237 -31.70 -9.55 -12.11
N HIS A 238 -30.46 -9.26 -11.73
CA HIS A 238 -29.50 -8.55 -12.58
C HIS A 238 -28.58 -9.49 -13.38
N MET A 239 -28.88 -10.79 -13.39
CA MET A 239 -28.00 -11.80 -13.97
C MET A 239 -28.23 -11.96 -15.47
N ALA A 240 -27.13 -12.09 -16.22
CA ALA A 240 -27.19 -12.17 -17.68
C ALA A 240 -27.53 -13.58 -18.17
N PRO A 241 -28.06 -13.71 -19.41
CA PRO A 241 -28.42 -15.02 -19.96
C PRO A 241 -27.27 -16.00 -20.10
N GLU A 242 -26.14 -15.55 -20.63
CA GLU A 242 -24.99 -16.44 -20.78
C GLU A 242 -24.56 -17.04 -19.43
N VAL A 243 -24.74 -16.28 -18.36
CA VAL A 243 -24.37 -16.76 -17.04
C VAL A 243 -25.38 -17.80 -16.59
N VAL A 244 -26.66 -17.47 -16.70
CA VAL A 244 -27.73 -18.36 -16.24
C VAL A 244 -27.68 -19.69 -16.99
N MET A 245 -27.74 -19.63 -18.32
CA MET A 245 -27.56 -20.82 -19.15
C MET A 245 -26.28 -21.54 -18.76
N GLY A 246 -25.15 -20.85 -18.88
CA GLY A 246 -23.84 -21.42 -18.55
C GLY A 246 -22.77 -21.27 -19.61
N LYS A 247 -23.12 -20.69 -20.75
CA LYS A 247 -22.16 -20.37 -21.81
C LYS A 247 -21.02 -19.51 -21.25
N PRO A 248 -19.90 -19.41 -21.99
CA PRO A 248 -18.83 -18.58 -21.44
C PRO A 248 -19.18 -17.09 -21.44
N CYS A 249 -18.46 -16.34 -20.61
CA CYS A 249 -18.80 -14.98 -20.30
C CYS A 249 -17.58 -14.09 -20.52
N ASP A 250 -17.84 -12.83 -20.81
CA ASP A 250 -16.79 -11.84 -21.04
C ASP A 250 -17.15 -10.58 -20.25
N ALA A 251 -16.45 -9.48 -20.54
CA ALA A 251 -16.75 -8.18 -19.94
C ALA A 251 -18.24 -7.79 -20.01
N LYS A 252 -18.92 -8.27 -21.05
CA LYS A 252 -20.29 -7.85 -21.33
C LYS A 252 -21.31 -8.24 -20.27
N VAL A 253 -21.04 -9.23 -19.43
CA VAL A 253 -22.04 -9.60 -18.41
C VAL A 253 -22.35 -8.43 -17.47
N ASP A 254 -21.33 -7.60 -17.18
CA ASP A 254 -21.52 -6.36 -16.45
C ASP A 254 -22.49 -5.42 -17.16
N ILE A 255 -22.40 -5.33 -18.48
CA ILE A 255 -23.25 -4.43 -19.26
C ILE A 255 -24.73 -4.75 -19.08
N TRP A 256 -25.07 -6.03 -19.09
CA TRP A 256 -26.44 -6.49 -18.88
C TRP A 256 -26.96 -6.06 -17.52
N SER A 257 -26.11 -6.23 -16.51
CA SER A 257 -26.46 -5.85 -15.15
C SER A 257 -26.67 -4.34 -15.07
N SER A 258 -25.74 -3.59 -15.62
CA SER A 258 -25.82 -2.13 -15.56
C SER A 258 -27.16 -1.62 -16.09
N CYS A 259 -27.72 -2.31 -17.08
CA CYS A 259 -29.00 -1.93 -17.64
C CYS A 259 -30.17 -2.47 -16.83
N CYS A 260 -30.00 -3.64 -16.23
CA CYS A 260 -30.97 -4.11 -15.24
C CYS A 260 -31.06 -3.07 -14.13
N MET A 261 -29.91 -2.51 -13.75
CA MET A 261 -29.84 -1.44 -12.76
C MET A 261 -30.48 -0.16 -13.30
N MET A 262 -30.28 0.15 -14.57
CA MET A 262 -30.93 1.30 -15.17
C MET A 262 -32.44 1.22 -14.95
N LEU A 263 -33.01 0.07 -15.26
CA LEU A 263 -34.44 -0.17 -15.08
C LEU A 263 -34.87 -0.03 -13.63
N HIS A 264 -34.10 -0.62 -12.73
CA HIS A 264 -34.31 -0.49 -11.28
C HIS A 264 -34.41 0.99 -10.86
N MET A 265 -33.58 1.85 -11.45
CA MET A 265 -33.63 3.28 -11.15
C MET A 265 -34.90 3.94 -11.68
N LEU A 266 -35.33 3.52 -12.86
CA LEU A 266 -36.48 4.12 -13.52
C LEU A 266 -37.81 3.68 -12.89
N ASN A 267 -37.94 2.39 -12.61
CA ASN A 267 -39.21 1.83 -12.13
C ASN A 267 -39.30 1.71 -10.61
N GLY A 268 -38.16 1.81 -9.93
CA GLY A 268 -38.11 1.67 -8.48
C GLY A 268 -38.25 0.23 -8.01
N CYS A 269 -37.96 -0.71 -8.90
CA CYS A 269 -37.93 -2.12 -8.54
C CYS A 269 -37.10 -2.89 -9.57
N HIS A 270 -36.58 -4.04 -9.14
CA HIS A 270 -35.73 -4.87 -9.98
C HIS A 270 -36.54 -5.40 -11.15
N PRO A 271 -35.89 -5.65 -12.30
CA PRO A 271 -36.61 -6.29 -13.39
C PRO A 271 -37.13 -7.67 -13.01
N TRP A 272 -38.12 -8.16 -13.77
CA TRP A 272 -38.72 -9.47 -13.58
C TRP A 272 -39.63 -9.58 -12.34
N THR A 273 -39.21 -9.04 -11.20
CA THR A 273 -39.94 -9.20 -9.93
C THR A 273 -41.42 -8.82 -10.02
N GLN A 274 -41.71 -7.69 -10.68
CA GLN A 274 -43.09 -7.25 -10.88
C GLN A 274 -43.90 -8.22 -11.73
N TYR A 275 -43.24 -8.90 -12.67
CA TYR A 275 -43.92 -9.78 -13.62
C TYR A 275 -43.92 -11.25 -13.22
N PHE A 276 -43.00 -11.65 -12.33
CA PHE A 276 -42.87 -13.07 -11.97
C PHE A 276 -42.58 -13.28 -10.47
N ARG A 277 -42.93 -14.46 -10.00
CA ARG A 277 -42.69 -14.86 -8.62
C ARG A 277 -41.55 -15.89 -8.58
N GLY A 278 -41.88 -17.17 -8.73
CA GLY A 278 -40.92 -18.27 -8.71
C GLY A 278 -39.83 -18.20 -9.77
N PRO A 279 -38.62 -18.67 -9.43
CA PRO A 279 -37.32 -18.71 -10.10
C PRO A 279 -37.13 -17.78 -11.27
N LEU A 280 -36.52 -16.64 -11.00
CA LEU A 280 -36.28 -15.64 -12.00
C LEU A 280 -35.12 -15.93 -12.91
N CYS A 281 -34.41 -17.01 -12.63
CA CYS A 281 -33.28 -17.39 -13.47
C CYS A 281 -33.77 -18.00 -14.78
N LEU A 282 -34.56 -19.08 -14.66
CA LEU A 282 -35.14 -19.73 -15.83
C LEU A 282 -35.93 -18.78 -16.74
N LYS A 283 -36.45 -17.69 -16.16
CA LYS A 283 -37.14 -16.65 -16.93
C LYS A 283 -36.15 -15.84 -17.78
N ILE A 284 -35.00 -15.51 -17.20
CA ILE A 284 -33.96 -14.76 -17.91
C ILE A 284 -33.45 -15.52 -19.14
N ALA A 285 -33.34 -16.85 -19.02
CA ALA A 285 -32.86 -17.70 -20.12
C ALA A 285 -33.91 -17.86 -21.23
N SER A 286 -35.10 -18.31 -20.85
CA SER A 286 -36.16 -18.60 -21.83
C SER A 286 -36.76 -17.33 -22.45
N GLU A 287 -37.26 -16.43 -21.60
CA GLU A 287 -37.99 -15.24 -22.06
C GLU A 287 -37.05 -14.30 -22.81
N PRO A 288 -37.61 -13.39 -23.63
CA PRO A 288 -36.74 -12.39 -24.27
C PRO A 288 -36.27 -11.37 -23.24
N PRO A 289 -35.33 -10.49 -23.63
CA PRO A 289 -34.88 -9.47 -22.69
C PRO A 289 -36.07 -8.66 -22.17
N PRO A 290 -36.01 -8.21 -20.91
CA PRO A 290 -37.14 -7.50 -20.33
C PRO A 290 -37.16 -6.03 -20.75
N ILE A 291 -37.06 -5.78 -22.05
CA ILE A 291 -37.14 -4.42 -22.60
C ILE A 291 -38.54 -3.85 -22.48
N ARG A 292 -39.52 -4.72 -22.28
CA ARG A 292 -40.90 -4.30 -22.02
C ARG A 292 -41.02 -3.46 -20.73
N GLU A 293 -40.07 -3.63 -19.80
CA GLU A 293 -40.07 -2.85 -18.56
C GLU A 293 -39.58 -1.41 -18.71
N ILE A 294 -39.20 -0.99 -19.92
CA ILE A 294 -38.81 0.40 -20.17
C ILE A 294 -40.05 1.29 -20.17
N PRO A 295 -40.13 2.27 -19.26
CA PRO A 295 -41.33 3.11 -19.27
C PRO A 295 -41.46 3.83 -20.60
N PRO A 296 -42.68 3.88 -21.15
CA PRO A 296 -42.87 4.47 -22.47
C PRO A 296 -42.55 5.97 -22.50
N SER A 297 -42.70 6.64 -21.35
CA SER A 297 -42.40 8.08 -21.24
C SER A 297 -40.91 8.46 -21.35
N CYS A 298 -40.02 7.48 -21.45
CA CYS A 298 -38.60 7.74 -21.74
C CYS A 298 -38.41 8.26 -23.16
N ALA A 299 -37.31 8.99 -23.38
CA ALA A 299 -36.97 9.51 -24.70
C ALA A 299 -36.54 8.36 -25.61
N PRO A 300 -36.61 8.54 -26.94
CA PRO A 300 -36.26 7.47 -27.86
C PRO A 300 -34.88 6.88 -27.64
N LEU A 301 -33.89 7.75 -27.40
CA LEU A 301 -32.50 7.31 -27.25
C LEU A 301 -32.25 6.59 -25.94
N THR A 302 -32.80 7.14 -24.86
CA THR A 302 -32.82 6.48 -23.56
C THR A 302 -33.30 5.03 -23.67
N ALA A 303 -34.39 4.80 -24.41
CA ALA A 303 -34.93 3.46 -24.62
C ALA A 303 -34.00 2.59 -25.48
N GLN A 304 -33.50 3.18 -26.55
CA GLN A 304 -32.63 2.49 -27.48
C GLN A 304 -31.28 2.12 -26.83
N ALA A 305 -30.75 3.02 -26.02
CA ALA A 305 -29.50 2.79 -25.29
C ALA A 305 -29.63 1.55 -24.42
N ILE A 306 -30.73 1.49 -23.68
CA ILE A 306 -31.00 0.34 -22.83
C ILE A 306 -31.17 -0.93 -23.66
N GLN A 307 -31.79 -0.82 -24.82
CA GLN A 307 -31.97 -1.97 -25.71
C GLN A 307 -30.64 -2.56 -26.17
N GLU A 308 -29.68 -1.72 -26.52
CA GLU A 308 -28.32 -2.18 -26.85
C GLU A 308 -27.69 -2.95 -25.69
N GLY A 309 -27.87 -2.44 -24.48
CA GLY A 309 -27.29 -3.04 -23.29
C GLY A 309 -27.89 -4.36 -22.89
N LEU A 310 -29.14 -4.62 -23.27
CA LEU A 310 -29.84 -5.85 -22.89
C LEU A 310 -30.12 -6.78 -24.06
N ARG A 311 -29.17 -6.95 -24.96
CA ARG A 311 -29.34 -7.94 -26.00
C ARG A 311 -28.80 -9.26 -25.47
N LYS A 312 -29.58 -10.32 -25.63
CA LYS A 312 -29.26 -11.65 -25.07
C LYS A 312 -27.85 -12.14 -25.39
N GLU A 313 -27.39 -11.87 -26.62
CA GLU A 313 -26.13 -12.43 -27.12
C GLU A 313 -24.98 -11.42 -27.00
N PRO A 314 -23.99 -11.71 -26.15
CA PRO A 314 -22.83 -10.84 -25.91
C PRO A 314 -22.24 -10.16 -27.14
N VAL A 315 -22.19 -10.87 -28.25
CA VAL A 315 -21.63 -10.30 -29.46
C VAL A 315 -22.45 -9.10 -29.94
N HIS A 316 -23.77 -9.18 -29.85
CA HIS A 316 -24.65 -8.07 -30.27
C HIS A 316 -24.79 -6.99 -29.18
N ARG A 317 -24.62 -7.39 -27.93
CA ARG A 317 -24.72 -6.46 -26.81
C ARG A 317 -23.57 -5.47 -26.87
N ALA A 318 -23.82 -4.25 -26.41
CA ALA A 318 -22.83 -3.18 -26.48
C ALA A 318 -21.74 -3.34 -25.43
N SER A 319 -20.60 -2.72 -25.67
CA SER A 319 -19.51 -2.66 -24.70
C SER A 319 -19.67 -1.42 -23.85
N ALA A 320 -18.87 -1.31 -22.80
CA ALA A 320 -18.92 -0.16 -21.90
C ALA A 320 -18.68 1.14 -22.65
N MET A 321 -17.64 1.17 -23.48
CA MET A 321 -17.29 2.36 -24.24
C MET A 321 -18.43 2.79 -25.15
N GLU A 322 -18.99 1.83 -25.89
CA GLU A 322 -20.12 2.10 -26.78
C GLU A 322 -21.37 2.58 -26.03
N LEU A 323 -21.67 1.96 -24.90
CA LEU A 323 -22.87 2.30 -24.13
C LEU A 323 -22.73 3.59 -23.33
N ARG A 324 -21.54 3.84 -22.80
CA ARG A 324 -21.27 5.09 -22.12
C ARG A 324 -21.45 6.26 -23.10
N ARG A 325 -21.00 6.09 -24.34
CA ARG A 325 -21.14 7.13 -25.37
C ARG A 325 -22.60 7.39 -25.70
N LYS A 326 -23.36 6.32 -25.85
CA LYS A 326 -24.78 6.42 -26.16
C LYS A 326 -25.57 7.01 -24.99
N VAL A 327 -25.18 6.65 -23.78
CA VAL A 327 -25.86 7.15 -22.58
C VAL A 327 -25.56 8.63 -22.37
N GLY A 328 -24.34 9.04 -22.70
CA GLY A 328 -23.97 10.44 -22.63
C GLY A 328 -24.86 11.25 -23.56
N LYS A 329 -25.05 10.72 -24.76
CA LYS A 329 -25.86 11.38 -25.78
C LYS A 329 -27.31 11.52 -25.32
N ALA A 330 -27.85 10.43 -24.75
CA ALA A 330 -29.25 10.43 -24.29
C ALA A 330 -29.50 11.46 -23.20
N LEU A 331 -28.49 11.73 -22.39
CA LEU A 331 -28.62 12.75 -21.36
C LEU A 331 -28.68 14.13 -21.99
N GLN A 332 -27.76 14.40 -22.93
CA GLN A 332 -27.79 15.66 -23.69
C GLN A 332 -29.16 15.84 -24.34
N GLU A 333 -29.67 14.75 -24.94
CA GLU A 333 -30.94 14.77 -25.66
C GLU A 333 -32.14 15.15 -24.82
N VAL A 334 -32.08 14.92 -23.51
CA VAL A 334 -33.15 15.34 -22.59
C VAL A 334 -32.71 16.57 -21.78
N GLY A 335 -31.81 17.36 -22.36
CA GLY A 335 -31.43 18.66 -21.80
C GLY A 335 -30.54 18.58 -20.58
N GLY A 336 -29.65 17.60 -20.56
CA GLY A 336 -28.70 17.45 -19.48
C GLY A 336 -29.33 17.14 -18.12
N LEU A 337 -28.53 17.29 -17.07
CA LEU A 337 -28.97 17.00 -15.72
C LEU A 337 -29.67 18.21 -15.10
N LYS A 338 -30.99 18.24 -15.23
CA LYS A 338 -31.81 19.32 -14.68
C LYS A 338 -32.19 19.05 -13.23
N SER A 339 -32.84 17.90 -13.01
CA SER A 339 -33.54 17.63 -11.75
C SER A 339 -32.65 17.63 -10.53
N PRO A 340 -33.20 18.01 -9.37
CA PRO A 340 -32.42 18.09 -8.14
C PRO A 340 -32.03 16.71 -7.61
N TRP A 341 -31.08 16.72 -6.69
CA TRP A 341 -30.50 15.50 -6.15
C TRP A 341 -31.38 14.86 -5.07
N LYS A 342 -32.25 15.67 -4.46
CA LYS A 342 -33.27 15.16 -3.54
C LYS A 342 -34.66 15.66 -3.94
N GLY A 343 -35.07 15.32 -5.15
CA GLY A 343 -36.42 15.67 -5.64
C GLY A 343 -37.51 14.95 -4.86
N GLU A 344 -38.75 15.43 -4.99
CA GLU A 344 -39.88 14.86 -4.27
C GLU A 344 -40.16 13.43 -4.72
N TYR A 345 -40.48 12.57 -3.75
CA TYR A 345 -40.74 11.15 -3.97
C TYR A 345 -41.61 10.88 -5.21
N LYS A 346 -41.21 9.90 -6.02
CA LYS A 346 -41.98 9.48 -7.20
C LYS A 346 -42.43 8.03 -7.06
N GLU A 347 -43.63 7.73 -7.52
CA GLU A 347 -44.23 6.41 -7.33
C GLU A 347 -43.58 5.37 -8.24
N PRO A 348 -43.29 4.18 -7.71
CA PRO A 348 -42.85 3.05 -8.54
C PRO A 348 -43.92 2.59 -9.54
N ARG A 349 -43.51 1.77 -10.51
CA ARG A 349 -44.41 1.30 -11.55
C ARG A 349 -45.38 0.23 -11.02
N PRO B 8 39.61 -17.38 22.97
CA PRO B 8 40.14 -18.07 24.14
C PRO B 8 39.41 -17.74 25.45
N VAL B 9 39.34 -16.46 25.80
CA VAL B 9 38.58 -15.99 26.95
C VAL B 9 37.20 -15.45 26.55
N GLU B 10 36.93 -15.41 25.23
CA GLU B 10 35.64 -14.91 24.70
C GLU B 10 34.46 -15.51 25.45
N GLU B 11 34.41 -16.83 25.47
CA GLU B 11 33.38 -17.57 26.19
C GLU B 11 33.11 -16.93 27.56
N TYR B 12 34.19 -16.62 28.29
CA TYR B 12 34.09 -16.05 29.64
C TYR B 12 33.57 -14.62 29.64
N LEU B 13 33.91 -13.85 28.62
CA LEU B 13 33.47 -12.46 28.53
C LEU B 13 31.97 -12.33 28.24
N VAL B 14 31.47 -13.19 27.36
CA VAL B 14 30.04 -13.24 27.04
C VAL B 14 29.24 -13.70 28.27
N HIS B 15 29.69 -14.76 28.92
CA HIS B 15 29.10 -15.20 30.18
C HIS B 15 28.83 -14.02 31.12
N ALA B 16 29.84 -13.18 31.31
CA ALA B 16 29.77 -12.08 32.26
C ALA B 16 28.71 -11.05 31.89
N LEU B 17 28.49 -10.87 30.60
CA LEU B 17 27.52 -9.90 30.11
C LEU B 17 26.07 -10.39 30.26
N GLN B 18 25.87 -11.71 30.19
CA GLN B 18 24.53 -12.27 30.14
C GLN B 18 23.81 -12.13 31.47
N GLY B 19 22.48 -12.09 31.40
CA GLY B 19 21.63 -11.97 32.57
C GLY B 19 21.66 -10.61 33.24
N SER B 20 22.24 -9.61 32.57
CA SER B 20 22.44 -8.29 33.14
C SER B 20 22.41 -7.20 32.07
N VAL B 21 21.95 -6.02 32.45
CA VAL B 21 22.14 -4.83 31.64
C VAL B 21 23.20 -4.00 32.33
N SER B 22 24.18 -3.52 31.57
CA SER B 22 25.26 -2.73 32.13
C SER B 22 25.61 -1.60 31.21
N SER B 23 26.24 -0.57 31.78
CA SER B 23 26.82 0.51 30.98
C SER B 23 28.12 -0.03 30.42
N GLY B 24 28.22 -0.13 29.10
CA GLY B 24 29.38 -0.74 28.45
C GLY B 24 29.69 -0.16 27.09
N GLN B 25 30.56 -0.86 26.34
CA GLN B 25 31.05 -0.37 25.06
C GLN B 25 30.62 -1.24 23.89
N ALA B 26 30.67 -0.67 22.69
CA ALA B 26 30.16 -1.30 21.48
C ALA B 26 30.66 -2.74 21.31
N HIS B 27 31.94 -2.97 21.58
CA HIS B 27 32.50 -4.31 21.44
C HIS B 27 31.81 -5.35 22.32
N SER B 28 31.52 -4.98 23.56
CA SER B 28 30.76 -5.85 24.48
C SER B 28 29.38 -6.15 23.91
N LEU B 29 28.63 -5.10 23.61
CA LEU B 29 27.28 -5.27 23.07
C LEU B 29 27.29 -6.25 21.92
N ALA B 30 28.23 -6.08 21.01
CA ALA B 30 28.35 -6.95 19.84
C ALA B 30 28.53 -8.42 20.27
N SER B 31 29.46 -8.65 21.19
CA SER B 31 29.67 -9.99 21.74
C SER B 31 28.33 -10.57 22.20
N LEU B 32 27.62 -9.81 23.04
CA LEU B 32 26.38 -10.28 23.64
C LEU B 32 25.27 -10.49 22.61
N ALA B 33 25.19 -9.58 21.64
CA ALA B 33 24.15 -9.66 20.61
C ALA B 33 24.18 -11.01 19.87
N LYS B 34 25.37 -11.55 19.63
CA LYS B 34 25.50 -12.80 18.90
C LYS B 34 24.74 -13.95 19.58
N THR B 35 24.59 -13.88 20.91
CA THR B 35 23.82 -14.89 21.63
C THR B 35 22.33 -14.84 21.32
N TRP B 36 21.84 -13.69 20.87
CA TRP B 36 20.42 -13.51 20.54
C TRP B 36 20.10 -14.05 19.14
N SER B 37 19.82 -15.34 19.04
CA SER B 37 19.50 -16.00 17.76
C SER B 37 18.72 -17.30 17.97
N ASP B 52 17.08 -13.64 31.54
CA ASP B 52 16.09 -12.69 31.03
C ASP B 52 16.41 -11.26 31.46
N ASN B 53 16.21 -10.32 30.54
CA ASN B 53 16.60 -8.91 30.69
C ASN B 53 18.13 -8.74 30.75
N GLU B 54 18.71 -8.47 29.58
CA GLU B 54 20.14 -8.29 29.43
C GLU B 54 20.44 -7.34 28.28
N GLY B 55 21.63 -6.76 28.30
CA GLY B 55 22.04 -5.89 27.22
C GLY B 55 23.17 -4.98 27.63
N VAL B 56 23.45 -3.99 26.78
CA VAL B 56 24.50 -3.01 27.05
C VAL B 56 24.05 -1.63 26.60
N LEU B 57 24.26 -0.64 27.45
CA LEU B 57 23.95 0.74 27.12
C LEU B 57 25.25 1.55 26.91
N LEU B 58 25.31 2.23 25.78
CA LEU B 58 26.55 2.85 25.31
C LEU B 58 26.71 4.30 25.76
N THR B 59 25.73 4.85 26.45
CA THR B 59 25.85 6.23 26.92
C THR B 59 25.21 6.41 28.28
N GLU B 60 25.83 7.27 29.09
CA GLU B 60 25.43 7.45 30.48
C GLU B 60 24.02 8.01 30.64
N LYS B 61 23.49 8.62 29.58
CA LYS B 61 22.11 9.11 29.59
C LYS B 61 21.08 7.97 29.70
N LEU B 62 21.39 6.80 29.14
CA LEU B 62 20.60 5.60 29.35
C LEU B 62 21.29 4.71 30.38
N LYS B 63 20.77 4.71 31.60
CA LYS B 63 21.43 4.04 32.73
C LYS B 63 20.57 2.92 33.31
N PRO B 64 21.17 1.73 33.50
CA PRO B 64 20.41 0.66 34.08
C PRO B 64 20.26 0.86 35.58
N VAL B 65 19.40 0.05 36.19
CA VAL B 65 19.16 0.09 37.63
C VAL B 65 19.15 -1.34 38.14
N ASP B 66 19.93 -1.59 39.18
CA ASP B 66 20.11 -2.94 39.73
C ASP B 66 20.04 -4.00 38.63
N TYR B 67 20.95 -3.89 37.66
CA TYR B 67 21.12 -4.90 36.61
C TYR B 67 19.97 -5.00 35.60
N GLU B 68 19.06 -4.04 35.60
CA GLU B 68 17.87 -4.10 34.74
C GLU B 68 17.58 -2.80 33.99
N TYR B 69 17.01 -2.97 32.81
CA TYR B 69 16.46 -1.88 32.04
C TYR B 69 15.22 -2.44 31.36
N ARG B 70 14.05 -2.08 31.86
CA ARG B 70 12.78 -2.73 31.52
C ARG B 70 11.78 -1.68 31.07
N GLU B 71 10.99 -2.01 30.05
CA GLU B 71 9.99 -1.09 29.52
C GLU B 71 8.97 -0.69 30.59
N GLU B 72 8.60 0.58 30.55
CA GLU B 72 7.69 1.23 31.52
C GLU B 72 8.04 0.99 32.98
N VAL B 73 9.31 0.75 33.28
CA VAL B 73 9.78 0.72 34.67
C VAL B 73 10.96 1.66 34.80
N HIS B 74 11.99 1.40 34.01
CA HIS B 74 13.18 2.25 33.98
C HIS B 74 13.13 3.23 32.81
N TRP B 75 12.51 2.83 31.71
CA TRP B 75 12.33 3.69 30.55
C TRP B 75 10.89 3.64 30.08
N MET B 76 10.34 4.81 29.76
CA MET B 76 8.91 4.97 29.49
C MET B 76 8.70 5.60 28.11
N THR B 77 7.80 5.06 27.31
CA THR B 77 7.56 5.60 26.00
C THR B 77 6.71 6.82 26.15
N HIS B 78 6.85 7.76 25.24
CA HIS B 78 6.08 8.99 25.26
C HIS B 78 4.59 8.78 25.32
N GLN B 79 3.97 9.43 26.30
CA GLN B 79 2.53 9.41 26.62
C GLN B 79 1.67 8.36 25.96
N PRO B 80 1.06 8.71 24.80
CA PRO B 80 0.24 7.84 23.98
C PRO B 80 1.07 7.45 22.78
N ARG B 81 1.13 6.14 22.53
CA ARG B 81 1.88 5.58 21.42
C ARG B 81 1.65 6.29 20.09
N VAL B 82 2.73 6.83 19.54
CA VAL B 82 2.72 7.51 18.27
C VAL B 82 3.08 6.56 17.14
N GLY B 83 4.26 5.97 17.23
CA GLY B 83 4.71 5.05 16.18
C GLY B 83 5.28 5.71 14.93
N ARG B 84 6.46 5.25 14.54
CA ARG B 84 7.07 5.62 13.28
C ARG B 84 7.86 4.41 12.84
N GLY B 85 8.22 4.33 11.56
CA GLY B 85 8.76 3.10 10.98
C GLY B 85 7.69 2.39 10.18
N SER B 86 8.08 1.35 9.44
CA SER B 86 7.14 0.64 8.55
C SER B 86 6.13 -0.20 9.32
N PHE B 87 6.50 -0.63 10.51
CA PHE B 87 5.63 -1.44 11.33
C PHE B 87 5.22 -0.69 12.59
N GLY B 88 5.43 0.63 12.59
CA GLY B 88 5.22 1.46 13.77
C GLY B 88 5.93 0.91 14.99
N GLU B 89 7.18 0.49 14.78
CA GLU B 89 7.97 -0.19 15.80
C GLU B 89 8.98 0.74 16.49
N VAL B 90 9.03 1.99 16.06
CA VAL B 90 9.93 2.99 16.63
C VAL B 90 9.15 4.06 17.39
N HIS B 91 9.64 4.43 18.58
CA HIS B 91 8.91 5.34 19.49
C HIS B 91 9.81 6.36 20.19
N ARG B 92 9.27 7.54 20.49
CA ARG B 92 9.88 8.44 21.47
C ARG B 92 9.91 7.70 22.81
N MET B 93 10.93 7.99 23.61
CA MET B 93 11.05 7.41 24.94
C MET B 93 11.92 8.29 25.82
N LYS B 94 11.88 8.02 27.11
CA LYS B 94 12.59 8.81 28.09
C LYS B 94 13.10 7.90 29.19
N ASP B 95 14.37 8.07 29.57
CA ASP B 95 14.93 7.36 30.71
C ASP B 95 14.46 8.05 31.97
N LYS B 96 13.75 7.32 32.81
CA LYS B 96 13.09 7.89 34.00
C LYS B 96 14.06 8.66 34.92
N GLN B 97 15.26 8.11 35.11
CA GLN B 97 16.18 8.63 36.13
C GLN B 97 16.93 9.86 35.63
N THR B 98 17.43 9.80 34.40
CA THR B 98 18.25 10.88 33.80
C THR B 98 17.41 11.86 33.01
N GLY B 99 16.20 11.47 32.66
CA GLY B 99 15.30 12.33 31.88
C GLY B 99 15.69 12.59 30.44
N PHE B 100 16.68 11.86 29.92
CA PHE B 100 17.14 12.02 28.55
C PHE B 100 16.20 11.32 27.59
N GLN B 101 15.86 11.98 26.50
CA GLN B 101 14.95 11.43 25.50
C GLN B 101 15.72 10.92 24.28
N CYS B 102 15.27 9.79 23.73
CA CYS B 102 15.81 9.30 22.48
C CYS B 102 14.79 8.39 21.78
N ALA B 103 15.21 7.66 20.76
CA ALA B 103 14.30 6.75 20.06
C ALA B 103 14.59 5.32 20.45
N VAL B 104 13.59 4.46 20.34
CA VAL B 104 13.75 3.02 20.56
C VAL B 104 13.11 2.26 19.43
N LYS B 105 13.84 1.30 18.86
CA LYS B 105 13.26 0.40 17.87
C LYS B 105 13.06 -0.95 18.50
N LYS B 106 11.90 -1.55 18.29
CA LYS B 106 11.60 -2.88 18.82
C LYS B 106 11.66 -3.91 17.72
N VAL B 107 12.44 -4.97 17.96
CA VAL B 107 12.51 -6.10 17.04
C VAL B 107 12.11 -7.34 17.79
N ARG B 108 11.38 -8.24 17.13
CA ARG B 108 11.05 -9.52 17.72
C ARG B 108 12.34 -10.32 17.83
N LEU B 109 12.54 -10.92 19.00
CA LEU B 109 13.72 -11.75 19.26
C LEU B 109 13.81 -12.94 18.28
N GLU B 110 12.65 -13.42 17.86
CA GLU B 110 12.56 -14.54 16.94
C GLU B 110 13.31 -14.29 15.62
N VAL B 111 13.23 -13.06 15.13
CA VAL B 111 13.76 -12.72 13.82
C VAL B 111 14.85 -11.65 13.90
N PHE B 112 15.42 -11.48 15.09
CA PHE B 112 16.44 -10.47 15.31
C PHE B 112 17.73 -10.85 14.61
N ARG B 113 18.29 -9.92 13.83
CA ARG B 113 19.56 -10.14 13.12
C ARG B 113 20.66 -9.36 13.80
N VAL B 114 21.70 -10.08 14.20
CA VAL B 114 22.83 -9.52 14.95
C VAL B 114 23.54 -8.46 14.13
N GLU B 115 23.64 -8.72 12.83
CA GLU B 115 24.26 -7.82 11.87
C GLU B 115 23.82 -6.39 12.10
N GLU B 116 22.53 -6.21 12.44
CA GLU B 116 21.97 -4.89 12.74
C GLU B 116 22.79 -4.10 13.77
N LEU B 117 23.18 -4.76 14.85
CA LEU B 117 24.01 -4.11 15.87
C LEU B 117 25.47 -4.12 15.47
N VAL B 118 25.99 -5.30 15.14
CA VAL B 118 27.37 -5.45 14.67
C VAL B 118 27.71 -4.42 13.59
N ALA B 119 26.78 -4.15 12.68
CA ALA B 119 26.94 -3.09 11.69
C ALA B 119 27.11 -1.75 12.38
N CYS B 120 26.04 -1.24 12.98
CA CYS B 120 26.06 0.14 13.50
C CYS B 120 26.81 0.30 14.84
N ALA B 121 27.23 -0.80 15.44
CA ALA B 121 27.96 -0.74 16.71
C ALA B 121 29.41 -0.32 16.47
N GLY B 122 29.77 0.82 17.06
CA GLY B 122 31.13 1.35 16.93
C GLY B 122 31.33 2.36 15.82
N LEU B 123 30.34 2.51 14.93
CA LEU B 123 30.44 3.46 13.82
C LEU B 123 30.31 4.87 14.35
N SER B 124 31.20 5.75 13.89
CA SER B 124 31.17 7.16 14.27
C SER B 124 31.19 8.00 13.00
N SER B 125 29.99 8.36 12.54
CA SER B 125 29.82 9.14 11.31
C SER B 125 28.53 9.95 11.40
N PRO B 126 28.58 11.23 11.02
CA PRO B 126 27.40 12.08 11.10
C PRO B 126 26.30 11.70 10.10
N ARG B 127 26.66 10.93 9.08
CA ARG B 127 25.67 10.42 8.10
C ARG B 127 25.03 9.11 8.55
N ILE B 128 25.40 8.62 9.74
CA ILE B 128 24.82 7.42 10.30
C ILE B 128 24.20 7.76 11.63
N VAL B 129 23.00 7.26 11.88
CA VAL B 129 22.34 7.52 13.15
C VAL B 129 23.06 6.72 14.22
N PRO B 130 23.46 7.38 15.30
CA PRO B 130 24.23 6.65 16.32
C PRO B 130 23.36 5.69 17.13
N LEU B 131 23.95 4.55 17.47
CA LEU B 131 23.34 3.59 18.37
C LEU B 131 23.66 3.99 19.81
N TYR B 132 22.68 3.82 20.70
CA TYR B 132 22.85 4.14 22.13
C TYR B 132 22.88 2.91 23.03
N GLY B 133 22.41 1.77 22.53
CA GLY B 133 22.46 0.52 23.28
C GLY B 133 21.45 -0.46 22.74
N ALA B 134 21.43 -1.64 23.32
CA ALA B 134 20.38 -2.61 23.02
C ALA B 134 20.06 -3.44 24.27
N VAL B 135 18.78 -3.76 24.45
CA VAL B 135 18.37 -4.54 25.62
C VAL B 135 17.31 -5.54 25.23
N ARG B 136 17.58 -6.81 25.53
CA ARG B 136 16.60 -7.86 25.37
C ARG B 136 15.72 -7.88 26.61
N GLU B 137 14.44 -8.15 26.42
CA GLU B 137 13.49 -8.29 27.51
C GLU B 137 12.37 -9.19 27.03
N GLY B 138 12.44 -10.46 27.42
CA GLY B 138 11.46 -11.45 26.98
C GLY B 138 11.53 -11.66 25.48
N PRO B 139 10.41 -11.44 24.78
CA PRO B 139 10.35 -11.67 23.35
C PRO B 139 10.77 -10.47 22.51
N TRP B 140 11.31 -9.43 23.15
CA TRP B 140 11.70 -8.22 22.43
C TRP B 140 13.18 -7.96 22.50
N VAL B 141 13.69 -7.27 21.48
CA VAL B 141 15.00 -6.68 21.50
C VAL B 141 14.79 -5.20 21.28
N ASN B 142 15.06 -4.41 22.32
CA ASN B 142 14.86 -2.98 22.30
C ASN B 142 16.17 -2.32 21.94
N ILE B 143 16.22 -1.68 20.79
CA ILE B 143 17.43 -1.04 20.30
C ILE B 143 17.26 0.47 20.41
N PHE B 144 18.18 1.11 21.14
CA PHE B 144 18.05 2.54 21.42
C PHE B 144 18.99 3.37 20.53
N MET B 145 18.46 4.45 19.98
CA MET B 145 19.21 5.33 19.07
C MET B 145 18.80 6.76 19.29
N GLU B 146 19.51 7.68 18.66
CA GLU B 146 19.20 9.10 18.74
C GLU B 146 17.83 9.36 18.15
N LEU B 147 17.09 10.28 18.75
CA LEU B 147 15.83 10.73 18.23
C LEU B 147 16.10 11.84 17.24
N LEU B 148 15.57 11.73 16.03
CA LEU B 148 15.72 12.76 14.99
C LEU B 148 14.39 13.47 14.73
N GLU B 149 14.39 14.78 14.90
CA GLU B 149 13.16 15.56 14.98
C GLU B 149 12.60 15.85 13.58
N GLY B 150 13.49 16.01 12.61
CA GLY B 150 13.08 16.32 11.24
C GLY B 150 12.32 15.23 10.51
N GLY B 151 12.22 14.05 11.11
CA GLY B 151 11.47 12.93 10.53
C GLY B 151 12.24 12.27 9.40
N SER B 152 11.53 11.49 8.59
CA SER B 152 12.16 10.79 7.47
C SER B 152 11.99 11.55 6.17
N LEU B 153 12.86 11.23 5.23
CA LEU B 153 12.77 11.74 3.87
C LEU B 153 11.53 11.18 3.16
N GLY B 154 11.10 9.98 3.56
CA GLY B 154 9.89 9.38 3.03
C GLY B 154 8.66 10.21 3.32
N GLN B 155 8.59 10.72 4.56
CA GLN B 155 7.53 11.64 4.97
C GLN B 155 7.66 12.98 4.26
N LEU B 156 8.89 13.48 4.13
CA LEU B 156 9.14 14.72 3.41
C LEU B 156 8.61 14.64 1.97
N ILE B 157 8.82 13.51 1.33
CA ILE B 157 8.31 13.31 -0.03
C ILE B 157 6.78 13.29 -0.05
N LYS B 158 6.15 12.68 0.94
CA LYS B 158 4.69 12.67 1.04
C LYS B 158 4.15 14.07 1.30
N GLN B 159 4.83 14.80 2.17
CA GLN B 159 4.41 16.15 2.53
C GLN B 159 4.55 17.10 1.35
N MET B 160 5.73 17.12 0.74
CA MET B 160 6.03 18.03 -0.35
C MET B 160 5.58 17.52 -1.71
N GLY B 161 4.97 16.33 -1.76
CA GLY B 161 4.59 15.73 -3.04
C GLY B 161 5.80 15.14 -3.75
N CYS B 162 6.74 16.01 -4.13
CA CYS B 162 8.05 15.58 -4.61
C CYS B 162 9.05 16.71 -4.45
N LEU B 163 10.35 16.40 -4.60
CA LEU B 163 11.41 17.36 -4.28
C LEU B 163 12.04 18.03 -5.50
N PRO B 164 12.54 19.26 -5.30
CA PRO B 164 13.28 19.91 -6.37
C PRO B 164 14.64 19.25 -6.59
N GLU B 165 15.13 19.36 -7.82
CA GLU B 165 16.36 18.68 -8.27
C GLU B 165 17.54 18.93 -7.35
N ASP B 166 17.78 20.19 -7.02
CA ASP B 166 18.94 20.54 -6.19
C ASP B 166 18.87 19.91 -4.79
N ARG B 167 17.67 19.78 -4.24
CA ARG B 167 17.49 19.20 -2.91
C ARG B 167 17.78 17.71 -2.94
N ALA B 168 17.22 17.04 -3.94
CA ALA B 168 17.38 15.60 -4.08
C ALA B 168 18.85 15.21 -4.27
N LEU B 169 19.62 16.05 -4.97
CA LEU B 169 21.05 15.80 -5.17
C LEU B 169 21.83 16.02 -3.88
N TYR B 170 21.40 17.02 -3.10
CA TYR B 170 21.99 17.32 -1.82
C TYR B 170 21.90 16.10 -0.92
N TYR B 171 20.68 15.59 -0.77
CA TYR B 171 20.44 14.42 0.07
C TYR B 171 21.07 13.16 -0.50
N LEU B 172 20.94 12.95 -1.81
CA LEU B 172 21.54 11.77 -2.43
C LEU B 172 23.04 11.76 -2.18
N GLY B 173 23.63 12.95 -2.18
CA GLY B 173 25.05 13.11 -1.89
C GLY B 173 25.41 12.76 -0.47
N GLN B 174 24.54 13.14 0.47
CA GLN B 174 24.74 12.80 1.87
C GLN B 174 24.52 11.32 2.14
N ALA B 175 23.52 10.74 1.48
CA ALA B 175 23.28 9.30 1.56
C ALA B 175 24.49 8.51 1.11
N LEU B 176 25.08 8.93 -0.02
CA LEU B 176 26.28 8.30 -0.56
C LEU B 176 27.48 8.44 0.36
N GLU B 177 27.60 9.58 1.01
CA GLU B 177 28.70 9.83 1.96
C GLU B 177 28.69 8.78 3.08
N GLY B 178 27.50 8.45 3.57
CA GLY B 178 27.33 7.39 4.55
C GLY B 178 27.56 6.00 3.96
N LEU B 179 27.14 5.79 2.72
CA LEU B 179 27.38 4.52 2.06
C LEU B 179 28.87 4.27 1.82
N GLU B 180 29.58 5.34 1.50
CA GLU B 180 31.03 5.27 1.38
C GLU B 180 31.65 4.77 2.67
N TYR B 181 31.21 5.35 3.78
CA TYR B 181 31.63 4.96 5.13
C TYR B 181 31.38 3.48 5.41
N LEU B 182 30.17 3.02 5.07
CA LEU B 182 29.80 1.62 5.25
C LEU B 182 30.58 0.69 4.35
N HIS B 183 30.75 1.09 3.09
CA HIS B 183 31.33 0.21 2.08
C HIS B 183 32.82 -0.03 2.28
N THR B 184 33.58 1.03 2.56
CA THR B 184 35.00 0.88 2.86
C THR B 184 35.16 -0.07 4.06
N ARG B 185 34.18 -0.04 4.97
CA ARG B 185 34.16 -0.95 6.11
C ARG B 185 33.50 -2.30 5.84
N ARG B 186 33.14 -2.58 4.59
CA ARG B 186 32.61 -3.89 4.19
C ARG B 186 31.21 -4.16 4.73
N ILE B 187 30.44 -3.11 4.93
CA ILE B 187 29.06 -3.25 5.41
C ILE B 187 28.11 -2.90 4.29
N LEU B 188 27.19 -3.82 4.00
CA LEU B 188 26.09 -3.55 3.09
C LEU B 188 24.90 -3.15 3.92
N HIS B 189 24.21 -2.09 3.52
CA HIS B 189 23.03 -1.62 4.25
C HIS B 189 21.82 -2.50 4.00
N GLY B 190 21.57 -2.80 2.73
CA GLY B 190 20.56 -3.76 2.33
C GLY B 190 19.26 -3.15 1.82
N ASP B 191 18.66 -2.28 2.63
CA ASP B 191 17.40 -1.63 2.27
C ASP B 191 17.50 -0.11 2.29
N VAL B 192 18.25 0.44 1.34
CA VAL B 192 18.43 1.89 1.22
C VAL B 192 17.24 2.51 0.52
N LYS B 193 16.52 3.37 1.24
CA LYS B 193 15.38 4.12 0.67
C LYS B 193 15.03 5.36 1.50
N ALA B 194 14.16 6.21 0.95
CA ALA B 194 13.82 7.48 1.61
C ALA B 194 13.36 7.29 3.05
N ASP B 195 12.56 6.26 3.30
CA ASP B 195 12.05 5.99 4.65
C ASP B 195 13.18 5.79 5.65
N ASN B 196 14.24 5.12 5.21
CA ASN B 196 15.41 4.85 6.04
C ASN B 196 16.49 5.94 5.98
N VAL B 197 16.13 7.13 5.52
CA VAL B 197 17.00 8.30 5.64
C VAL B 197 16.30 9.27 6.58
N LEU B 198 16.97 9.67 7.66
CA LEU B 198 16.40 10.61 8.62
C LEU B 198 17.10 11.96 8.57
N LEU B 199 16.41 13.00 9.04
CA LEU B 199 16.88 14.38 8.88
C LEU B 199 16.92 15.11 10.21
N SER B 200 17.76 16.14 10.26
CA SER B 200 17.77 17.05 11.40
C SER B 200 16.56 17.99 11.31
N SER B 201 16.38 18.82 12.34
CA SER B 201 15.21 19.69 12.44
C SER B 201 15.14 20.76 11.34
N ASP B 202 16.30 21.25 10.91
CA ASP B 202 16.35 22.19 9.79
C ASP B 202 16.45 21.50 8.43
N GLY B 203 16.61 20.18 8.42
CA GLY B 203 16.73 19.41 7.18
C GLY B 203 18.05 19.59 6.45
N SER B 204 19.02 20.21 7.10
CA SER B 204 20.33 20.44 6.49
C SER B 204 21.23 19.20 6.57
N ARG B 205 20.95 18.32 7.54
CA ARG B 205 21.75 17.12 7.75
C ARG B 205 20.86 15.88 7.61
N ALA B 206 21.37 14.89 6.87
CA ALA B 206 20.68 13.62 6.67
C ALA B 206 21.53 12.47 7.21
N ALA B 207 20.87 11.37 7.56
CA ALA B 207 21.56 10.19 8.09
C ALA B 207 20.80 8.91 7.79
N LEU B 208 21.54 7.83 7.62
CA LEU B 208 20.95 6.54 7.30
C LEU B 208 20.55 5.84 8.58
N CYS B 209 19.55 4.96 8.47
CA CYS B 209 19.08 4.19 9.62
C CYS B 209 18.47 2.87 9.15
N ASP B 210 18.01 2.07 10.11
CA ASP B 210 17.56 0.69 9.87
C ASP B 210 18.61 -0.21 9.21
N PHE B 211 19.50 -0.75 10.03
CA PHE B 211 20.51 -1.69 9.56
C PHE B 211 20.08 -3.13 9.74
N GLY B 212 18.77 -3.37 9.71
CA GLY B 212 18.23 -4.70 9.90
C GLY B 212 18.36 -5.62 8.70
N HIS B 213 18.73 -5.05 7.54
CA HIS B 213 18.98 -5.86 6.35
C HIS B 213 20.47 -5.92 6.07
N ALA B 214 21.29 -5.56 7.06
CA ALA B 214 22.70 -5.30 6.83
C ALA B 214 23.48 -6.59 6.72
N LEU B 215 24.43 -6.61 5.78
CA LEU B 215 25.28 -7.76 5.57
C LEU B 215 26.72 -7.31 5.75
N CYS B 216 27.55 -8.22 6.25
CA CYS B 216 28.99 -7.99 6.33
C CYS B 216 29.58 -8.68 5.11
N LEU B 217 30.25 -7.91 4.26
CA LEU B 217 30.90 -8.46 3.06
C LEU B 217 32.26 -9.03 3.44
N GLN B 218 32.67 -10.09 2.74
CA GLN B 218 33.89 -10.83 3.10
C GLN B 218 35.06 -9.85 3.23
N PRO B 219 35.91 -10.03 4.27
CA PRO B 219 37.13 -9.22 4.42
C PRO B 219 38.06 -9.25 3.18
N ASP B 220 37.57 -8.66 2.09
CA ASP B 220 38.24 -8.64 0.77
C ASP B 220 37.41 -7.87 -0.28
N GLY B 221 36.08 -7.93 -0.17
CA GLY B 221 35.17 -7.18 -1.04
C GLY B 221 34.47 -8.05 -2.08
N LEU B 222 34.57 -9.37 -1.93
CA LEU B 222 34.02 -10.31 -2.91
C LEU B 222 32.49 -10.35 -2.83
N GLY B 223 31.86 -10.64 -3.98
CA GLY B 223 30.41 -10.71 -4.06
C GLY B 223 29.86 -11.95 -3.40
N LYS B 224 28.88 -11.76 -2.52
CA LYS B 224 28.30 -12.86 -1.76
C LYS B 224 26.87 -13.15 -2.22
N SER B 225 26.61 -14.41 -2.53
CA SER B 225 25.27 -14.84 -2.89
C SER B 225 24.36 -14.82 -1.66
N LEU B 226 23.78 -13.66 -1.40
CA LEU B 226 22.75 -13.52 -0.37
C LEU B 226 21.51 -14.26 -0.82
N LEU B 227 20.69 -14.66 0.17
CA LEU B 227 19.52 -15.54 -0.01
C LEU B 227 19.83 -16.96 0.48
N THR B 228 20.30 -17.08 1.71
CA THR B 228 20.71 -18.36 2.27
C THR B 228 19.96 -18.68 3.57
N GLY B 229 18.70 -18.25 3.66
CA GLY B 229 17.93 -18.37 4.90
C GLY B 229 18.39 -17.36 5.94
N ASP B 230 17.62 -17.24 7.01
CA ASP B 230 17.88 -16.22 8.05
C ASP B 230 17.89 -14.82 7.45
N TYR B 231 17.30 -14.67 6.27
CA TYR B 231 17.48 -13.46 5.45
C TYR B 231 16.16 -12.74 5.20
N ILE B 232 16.14 -11.46 5.57
CA ILE B 232 15.03 -10.56 5.26
C ILE B 232 15.43 -9.72 4.05
N PRO B 233 14.67 -9.81 2.95
CA PRO B 233 14.96 -9.02 1.76
C PRO B 233 14.55 -7.56 1.96
N GLY B 234 15.02 -6.71 1.04
CA GLY B 234 14.75 -5.28 1.11
C GLY B 234 13.45 -4.92 0.42
N THR B 235 13.30 -3.63 0.12
CA THR B 235 12.13 -3.11 -0.56
C THR B 235 12.17 -3.47 -2.03
N GLU B 236 11.08 -4.06 -2.52
CA GLU B 236 11.01 -4.62 -3.87
C GLU B 236 11.22 -3.58 -4.97
N THR B 237 10.73 -2.37 -4.77
CA THR B 237 10.89 -1.31 -5.76
C THR B 237 12.35 -0.94 -5.91
N HIS B 238 13.07 -0.93 -4.79
CA HIS B 238 14.47 -0.51 -4.76
C HIS B 238 15.46 -1.68 -4.96
N MET B 239 14.96 -2.87 -5.23
CA MET B 239 15.84 -4.02 -5.46
C MET B 239 16.58 -3.90 -6.78
N ALA B 240 17.80 -4.44 -6.80
CA ALA B 240 18.64 -4.44 -7.97
C ALA B 240 18.50 -5.78 -8.71
N PRO B 241 18.87 -5.80 -10.00
CA PRO B 241 18.69 -7.01 -10.79
C PRO B 241 19.37 -8.25 -10.22
N GLU B 242 20.60 -8.11 -9.75
CA GLU B 242 21.32 -9.27 -9.18
C GLU B 242 20.62 -9.84 -7.93
N VAL B 243 19.97 -8.99 -7.15
CA VAL B 243 19.33 -9.42 -5.92
C VAL B 243 18.16 -10.36 -6.21
N VAL B 244 17.33 -10.02 -7.18
CA VAL B 244 16.13 -10.82 -7.51
C VAL B 244 16.50 -12.11 -8.24
N MET B 245 17.44 -12.02 -9.17
CA MET B 245 17.96 -13.20 -9.87
C MET B 245 18.90 -14.01 -8.98
N GLY B 246 19.14 -13.55 -7.74
CA GLY B 246 19.86 -14.34 -6.75
C GLY B 246 21.34 -14.53 -7.05
N LYS B 247 21.91 -13.60 -7.80
CA LYS B 247 23.32 -13.64 -8.16
C LYS B 247 24.14 -13.08 -7.00
N PRO B 248 25.47 -13.26 -7.04
CA PRO B 248 26.26 -12.68 -5.95
C PRO B 248 26.12 -11.16 -5.92
N CYS B 249 25.88 -10.63 -4.73
CA CYS B 249 25.66 -9.21 -4.55
C CYS B 249 26.79 -8.63 -3.73
N ASP B 250 27.31 -7.51 -4.20
CA ASP B 250 28.39 -6.79 -3.52
C ASP B 250 27.83 -5.43 -3.10
N ALA B 251 28.69 -4.54 -2.62
CA ALA B 251 28.29 -3.19 -2.22
C ALA B 251 27.42 -2.45 -3.25
N LYS B 252 27.56 -2.83 -4.52
CA LYS B 252 26.89 -2.13 -5.60
C LYS B 252 25.37 -2.07 -5.44
N VAL B 253 24.75 -3.08 -4.83
CA VAL B 253 23.26 -3.11 -4.75
C VAL B 253 22.67 -1.89 -4.03
N ASP B 254 23.37 -1.41 -3.00
CA ASP B 254 22.96 -0.19 -2.31
C ASP B 254 22.97 1.00 -3.26
N ILE B 255 23.90 1.00 -4.21
CA ILE B 255 23.97 2.08 -5.18
C ILE B 255 22.73 2.10 -6.06
N TRP B 256 22.31 0.94 -6.54
CA TRP B 256 21.07 0.82 -7.28
C TRP B 256 19.90 1.35 -6.46
N SER B 257 19.86 0.96 -5.20
CA SER B 257 18.79 1.40 -4.31
C SER B 257 18.78 2.93 -4.18
N SER B 258 19.90 3.49 -3.75
CA SER B 258 20.03 4.94 -3.62
C SER B 258 19.46 5.71 -4.83
N CYS B 259 19.63 5.18 -6.03
CA CYS B 259 19.13 5.82 -7.24
C CYS B 259 17.63 5.64 -7.44
N CYS B 260 17.11 4.48 -7.09
CA CYS B 260 15.67 4.32 -6.99
C CYS B 260 15.07 5.35 -6.03
N MET B 261 15.81 5.64 -4.96
CA MET B 261 15.43 6.68 -4.00
C MET B 261 15.49 8.07 -4.61
N MET B 262 16.44 8.31 -5.51
CA MET B 262 16.51 9.57 -6.23
C MET B 262 15.28 9.75 -7.10
N LEU B 263 14.88 8.70 -7.80
CA LEU B 263 13.68 8.76 -8.65
C LEU B 263 12.43 8.92 -7.81
N HIS B 264 12.46 8.39 -6.60
CA HIS B 264 11.39 8.59 -5.64
C HIS B 264 11.32 10.06 -5.26
N MET B 265 12.48 10.66 -5.03
CA MET B 265 12.56 12.08 -4.69
C MET B 265 12.07 12.96 -5.84
N LEU B 266 12.51 12.66 -7.06
CA LEU B 266 12.19 13.50 -8.21
C LEU B 266 10.76 13.33 -8.73
N ASN B 267 10.20 12.13 -8.63
CA ASN B 267 8.84 11.83 -9.10
C ASN B 267 7.77 11.80 -8.02
N GLY B 268 8.18 11.54 -6.78
CA GLY B 268 7.24 11.47 -5.67
C GLY B 268 6.48 10.16 -5.57
N CYS B 269 6.89 9.18 -6.38
CA CYS B 269 6.38 7.82 -6.28
C CYS B 269 7.52 6.86 -6.56
N HIS B 270 7.35 5.60 -6.14
CA HIS B 270 8.40 4.59 -6.30
C HIS B 270 8.60 4.23 -7.77
N PRO B 271 9.79 3.73 -8.14
CA PRO B 271 10.00 3.19 -9.48
C PRO B 271 9.09 1.98 -9.75
N TRP B 272 8.74 1.78 -11.01
CA TRP B 272 7.83 0.71 -11.43
C TRP B 272 6.41 0.90 -10.84
N THR B 273 5.56 1.63 -11.54
CA THR B 273 4.16 1.82 -11.10
C THR B 273 3.19 1.04 -12.01
N GLN B 274 3.54 -0.21 -12.31
CA GLN B 274 2.76 -1.07 -13.21
C GLN B 274 2.25 -2.27 -12.41
N GLY B 278 1.01 -5.85 -11.37
CA GLY B 278 1.73 -7.12 -11.32
C GLY B 278 2.83 -7.12 -10.28
N PRO B 279 3.61 -8.22 -10.19
CA PRO B 279 4.75 -8.32 -9.28
C PRO B 279 6.02 -7.75 -9.92
N LEU B 280 6.60 -6.75 -9.27
CA LEU B 280 7.65 -5.92 -9.89
C LEU B 280 9.01 -6.58 -10.05
N CYS B 281 9.30 -7.58 -9.20
CA CYS B 281 10.61 -8.24 -9.21
C CYS B 281 10.95 -8.85 -10.57
N LEU B 282 9.95 -9.49 -11.19
CA LEU B 282 10.13 -10.09 -12.52
C LEU B 282 10.47 -9.02 -13.55
N LYS B 283 9.73 -7.91 -13.51
CA LYS B 283 9.97 -6.78 -14.43
C LYS B 283 11.37 -6.20 -14.25
N ILE B 284 11.80 -6.06 -13.01
CA ILE B 284 13.14 -5.56 -12.69
C ILE B 284 14.22 -6.40 -13.37
N ALA B 285 14.02 -7.71 -13.39
CA ALA B 285 14.98 -8.65 -13.96
C ALA B 285 15.02 -8.63 -15.49
N SER B 286 13.83 -8.60 -16.11
CA SER B 286 13.73 -8.71 -17.57
C SER B 286 13.85 -7.36 -18.27
N GLU B 287 13.07 -6.39 -17.84
CA GLU B 287 13.00 -5.09 -18.50
C GLU B 287 14.25 -4.26 -18.24
N PRO B 288 14.54 -3.26 -19.09
CA PRO B 288 15.70 -2.40 -18.88
C PRO B 288 15.61 -1.65 -17.55
N PRO B 289 16.73 -1.02 -17.11
CA PRO B 289 16.63 -0.25 -15.90
C PRO B 289 15.70 0.95 -16.12
N PRO B 290 15.09 1.47 -15.03
CA PRO B 290 14.11 2.54 -15.17
C PRO B 290 14.72 3.94 -15.40
N ILE B 291 15.70 4.00 -16.31
CA ILE B 291 16.18 5.29 -16.83
C ILE B 291 15.03 6.08 -17.43
N ARG B 292 14.09 5.37 -18.06
CA ARG B 292 12.90 5.99 -18.64
C ARG B 292 12.19 6.93 -17.66
N GLU B 293 12.21 6.56 -16.38
CA GLU B 293 11.51 7.32 -15.35
C GLU B 293 12.28 8.56 -14.89
N ILE B 294 13.42 8.84 -15.50
CA ILE B 294 14.16 10.08 -15.22
C ILE B 294 13.41 11.24 -15.87
N PRO B 295 13.11 12.31 -15.10
CA PRO B 295 12.38 13.44 -15.67
C PRO B 295 13.15 14.19 -16.77
N PRO B 296 12.45 14.68 -17.81
CA PRO B 296 13.13 15.45 -18.85
C PRO B 296 13.57 16.82 -18.36
N SER B 297 12.86 17.36 -17.38
CA SER B 297 13.19 18.65 -16.79
C SER B 297 14.59 18.71 -16.15
N CYS B 298 15.12 17.55 -15.76
CA CYS B 298 16.44 17.48 -15.10
C CYS B 298 17.60 17.98 -15.94
N ALA B 299 18.76 18.14 -15.31
CA ALA B 299 19.99 18.55 -15.98
C ALA B 299 20.63 17.32 -16.65
N PRO B 300 21.65 17.53 -17.52
CA PRO B 300 22.26 16.37 -18.17
C PRO B 300 23.17 15.54 -17.23
N LEU B 301 23.95 16.20 -16.38
CA LEU B 301 24.82 15.50 -15.43
C LEU B 301 24.01 14.71 -14.40
N THR B 302 22.92 15.33 -13.92
CA THR B 302 21.98 14.66 -13.02
C THR B 302 21.53 13.34 -13.63
N ALA B 303 21.15 13.38 -14.91
CA ALA B 303 20.73 12.17 -15.61
C ALA B 303 21.85 11.13 -15.69
N GLN B 304 23.06 11.57 -16.01
CA GLN B 304 24.20 10.64 -16.13
C GLN B 304 24.53 9.96 -14.81
N ALA B 305 24.42 10.72 -13.72
CA ALA B 305 24.63 10.16 -12.38
C ALA B 305 23.64 9.04 -12.12
N ILE B 306 22.35 9.35 -12.25
CA ILE B 306 21.30 8.35 -12.04
C ILE B 306 21.54 7.13 -12.95
N GLN B 307 21.88 7.39 -14.21
CA GLN B 307 22.10 6.32 -15.19
C GLN B 307 23.30 5.44 -14.83
N GLU B 308 24.40 6.07 -14.43
CA GLU B 308 25.58 5.32 -14.00
C GLU B 308 25.29 4.54 -12.71
N GLY B 309 24.45 5.11 -11.86
CA GLY B 309 24.04 4.45 -10.63
C GLY B 309 23.03 3.32 -10.83
N LEU B 310 22.51 3.17 -12.05
CA LEU B 310 21.46 2.21 -12.37
C LEU B 310 21.77 1.26 -13.54
N ARG B 311 23.04 0.97 -13.78
CA ARG B 311 23.40 0.00 -14.80
C ARG B 311 23.13 -1.40 -14.24
N LYS B 312 22.52 -2.27 -15.05
CA LYS B 312 22.13 -3.62 -14.60
C LYS B 312 23.27 -4.52 -14.13
N GLU B 313 24.42 -4.42 -14.80
CA GLU B 313 25.61 -5.20 -14.43
C GLU B 313 26.39 -4.48 -13.32
N PRO B 314 26.61 -5.14 -12.16
CA PRO B 314 27.33 -4.56 -11.04
C PRO B 314 28.66 -3.88 -11.38
N VAL B 315 29.43 -4.48 -12.29
CA VAL B 315 30.77 -3.96 -12.62
C VAL B 315 30.75 -2.64 -13.37
N HIS B 316 29.74 -2.41 -14.21
CA HIS B 316 29.60 -1.13 -14.92
C HIS B 316 29.04 -0.06 -13.99
N ARG B 317 28.32 -0.51 -12.96
CA ARG B 317 27.65 0.39 -12.02
C ARG B 317 28.67 1.11 -11.15
N ALA B 318 28.38 2.36 -10.78
CA ALA B 318 29.31 3.16 -9.99
C ALA B 318 29.42 2.66 -8.57
N SER B 319 30.53 3.02 -7.92
CA SER B 319 30.70 2.82 -6.49
C SER B 319 30.19 4.04 -5.78
N ALA B 320 30.09 3.97 -4.45
CA ALA B 320 29.68 5.12 -3.65
C ALA B 320 30.67 6.26 -3.87
N MET B 321 31.96 5.97 -3.67
CA MET B 321 33.04 6.91 -3.97
C MET B 321 32.78 7.65 -5.28
N GLU B 322 32.63 6.86 -6.34
CA GLU B 322 32.49 7.35 -7.69
C GLU B 322 31.27 8.24 -7.85
N LEU B 323 30.12 7.78 -7.36
CA LEU B 323 28.87 8.48 -7.62
C LEU B 323 28.69 9.75 -6.80
N ARG B 324 29.24 9.78 -5.58
CA ARG B 324 29.20 10.99 -4.76
C ARG B 324 29.93 12.13 -5.45
N ARG B 325 31.03 11.79 -6.12
CA ARG B 325 31.80 12.74 -6.90
C ARG B 325 30.95 13.32 -8.05
N LYS B 326 30.28 12.44 -8.80
CA LYS B 326 29.38 12.88 -9.88
C LYS B 326 28.19 13.68 -9.36
N VAL B 327 27.60 13.24 -8.26
CA VAL B 327 26.47 13.93 -7.65
C VAL B 327 26.90 15.30 -7.13
N GLY B 328 28.05 15.36 -6.48
CA GLY B 328 28.62 16.64 -6.03
C GLY B 328 28.64 17.65 -7.16
N LYS B 329 29.26 17.29 -8.28
CA LYS B 329 29.37 18.16 -9.43
C LYS B 329 27.99 18.50 -10.04
N ALA B 330 27.12 17.51 -10.15
CA ALA B 330 25.76 17.73 -10.67
C ALA B 330 24.97 18.76 -9.83
N LEU B 331 25.31 18.85 -8.55
CA LEU B 331 24.75 19.88 -7.68
C LEU B 331 25.30 21.26 -8.03
N GLN B 332 26.60 21.32 -8.30
CA GLN B 332 27.24 22.58 -8.71
C GLN B 332 26.67 23.10 -10.04
N GLU B 333 26.39 22.19 -10.97
CA GLU B 333 25.84 22.56 -12.28
C GLU B 333 24.44 23.17 -12.18
N VAL B 334 23.69 22.83 -11.14
CA VAL B 334 22.38 23.44 -10.87
C VAL B 334 22.47 24.60 -9.85
N GLY B 335 23.69 25.11 -9.64
CA GLY B 335 23.91 26.27 -8.78
C GLY B 335 23.94 26.02 -7.29
N GLY B 336 24.01 24.75 -6.88
CA GLY B 336 24.03 24.40 -5.46
C GLY B 336 22.65 24.38 -4.83
N LEU B 337 22.62 24.26 -3.50
CA LEU B 337 21.37 24.17 -2.76
C LEU B 337 20.73 25.54 -2.57
N LYS B 338 19.61 25.75 -3.25
CA LYS B 338 18.87 27.02 -3.18
C LYS B 338 17.50 26.86 -2.51
N SER B 339 16.71 25.88 -2.94
CA SER B 339 15.35 25.69 -2.44
C SER B 339 15.23 25.78 -0.91
N PRO B 340 14.11 26.35 -0.41
CA PRO B 340 13.85 26.45 1.04
C PRO B 340 13.45 25.10 1.66
N TRP B 341 13.82 24.87 2.92
CA TRP B 341 13.70 23.54 3.54
C TRP B 341 12.37 22.87 3.24
N LYS B 342 11.28 23.54 3.61
CA LYS B 342 9.95 23.10 3.25
C LYS B 342 9.34 24.19 2.40
N GLY B 343 9.63 24.12 1.10
CA GLY B 343 9.05 25.04 0.12
C GLY B 343 7.62 24.67 -0.20
N GLU B 344 7.09 25.23 -1.28
CA GLU B 344 5.72 24.95 -1.67
C GLU B 344 5.60 23.54 -2.26
N TYR B 345 4.42 22.93 -2.05
CA TYR B 345 4.10 21.60 -2.55
C TYR B 345 4.35 21.50 -4.06
N LYS B 346 4.85 20.35 -4.50
CA LYS B 346 5.11 20.07 -5.91
C LYS B 346 4.39 18.80 -6.36
N GLU B 347 3.90 18.81 -7.59
CA GLU B 347 3.00 17.76 -8.09
C GLU B 347 3.74 16.49 -8.54
N PRO B 348 3.31 15.32 -8.04
CA PRO B 348 3.85 14.04 -8.55
C PRO B 348 3.29 13.69 -9.92
N ARG B 349 3.88 12.68 -10.58
CA ARG B 349 3.42 12.25 -11.89
C ARG B 349 2.20 11.36 -11.76
C4 ELW C . -13.81 -3.87 -0.16
C14 ELW C . -18.90 -1.73 0.50
C5 ELW C . -14.85 -3.73 -1.24
C11 ELW C . -20.90 -3.53 0.58
C7 ELW C . -16.20 -3.48 -0.71
C8 ELW C . -17.34 -3.33 -0.36
C9 ELW C . -18.65 -3.01 0.08
C10 ELW C . -19.66 -3.94 0.13
C13 ELW C . -20.17 -1.42 0.95
N2 ELW C . -13.29 -2.06 -1.55
C3 ELW C . -12.79 -2.78 -0.42
C1 ELW C . -12.60 -0.92 -2.08
O6 ELW C . -14.81 -4.85 -2.11
N12 ELW C . -21.18 -2.29 0.99
N15 ELW C . -20.36 -0.12 1.40
N16 ELW C . -19.27 0.63 1.67
C17 ELW C . -19.77 1.81 2.07
C18 ELW C . -18.89 2.89 2.45
N19 ELW C . -17.63 2.76 1.95
O20 ELW C . -19.29 3.81 3.14
C21 ELW C . -21.18 1.80 2.05
C22 ELW C . -21.54 0.55 1.62
C23 ELW C . -22.85 0.16 1.47
C24 ELW C . -23.80 1.10 1.76
C25 ELW C . -23.44 2.35 2.20
F26 ELW C . -24.40 3.25 2.47
C27 ELW C . -22.14 2.75 2.35
C28 ELW C . -14.44 -2.56 -2.06
O29 ELW C . -15.08 -2.13 -3.01
C4 ELW D . 18.53 0.37 15.14
C14 ELW D . 14.64 3.58 12.82
C5 ELW D . 18.37 0.70 13.66
C11 ELW D . 12.81 2.41 11.23
C7 ELW D . 17.00 1.09 13.31
C8 ELW D . 15.94 1.57 12.97
C9 ELW D . 14.80 2.26 12.47
C10 ELW D . 13.88 1.65 11.66
C13 ELW D . 13.53 4.24 12.35
N2 ELW D . 19.99 2.10 14.56
C3 ELW D . 19.64 1.25 15.66
C1 ELW D . 20.98 3.13 14.69
O6 ELW D . 18.86 -0.35 12.85
N12 ELW D . 12.61 3.69 11.55
N15 ELW D . 13.37 5.58 12.75
N16 ELW D . 14.13 6.09 13.74
C17 ELW D . 13.72 7.35 13.88
C18 ELW D . 14.31 8.24 14.85
N19 ELW D . 15.39 7.68 15.48
O20 ELW D . 13.88 9.37 15.04
C21 ELW D . 12.68 7.64 12.97
C22 ELW D . 12.47 6.49 12.24
C23 ELW D . 11.53 6.37 11.25
C24 ELW D . 10.79 7.50 10.99
C25 ELW D . 10.99 8.66 11.70
F26 ELW D . 10.23 9.73 11.41
C27 ELW D . 11.93 8.77 12.70
C28 ELW D . 19.30 1.84 13.41
O29 ELW D . 19.42 2.42 12.34
#